data_8IW7
#
_entry.id   8IW7
#
_cell.length_a   1.00
_cell.length_b   1.00
_cell.length_c   1.00
_cell.angle_alpha   90.00
_cell.angle_beta   90.00
_cell.angle_gamma   90.00
#
_symmetry.space_group_name_H-M   'P 1'
#
loop_
_entity.id
_entity.type
_entity.pdbx_description
1 polymer 'Trace amine-associated receptor 9'
2 polymer 'Guanine nucleotide-binding protein G(I)/G(S)/G(T) subunit beta-1'
3 polymer 'Guanine nucleotide-binding protein subunit alpha isoforms short'
4 polymer scFv16
5 polymer 'Guanine nucleotide-binding protein G(I)/G(S)/G(O) subunit gamma-2'
6 non-polymer 2-PHENYLETHYLAMINE
#
loop_
_entity_poly.entity_id
_entity_poly.type
_entity_poly.pdbx_seq_one_letter_code
_entity_poly.pdbx_strand_id
1 'polypeptide(L)'
;MTSDFSPEPPMELCYENVNGSCIKSSYAPWPRAILYGVLGLGALLAVFGNLLVIIAILHFKQLHTPTNFLVASLACADFL
VGVTVMPFSTVRSVESCWYFGESYCKFHTCFDTSFCFASLFHLCCISIDRYIAVTDPLTYPTKFTVSVSGLCIALSWFFS
VTYSFSIFYTGANEEGIEELVVALTCVGGCQAPLNQNWVLLCFLLFFLPTVVMVFLYGRIFLVAKYQARKIEGTANQAQA
SSESYKERVAKRERKAAKTLGIAMAAFLVSWLPYIIDAVIDAYMNFITPAYVYEILVWCVYYNSAMNPLIYAFFYPWFRK
AIKLIVSGKVFRADSSTTNLFSEEAGAG
;
R
2 'polypeptide(L)'
;MHHHHHHGSLLQSELDQLRQEAEQLKNQIRDARKACADATLSQITNNIDPVGRIQMRTRRTLRGHLAKIYAMHWGTDSRL
LVSASQDGKLIIWDSYTTNKVHAIPLRSSWVMTCAYAPSGNYVACGGLDNICSIYNLKTREGNVRVSRELAGHTGYLSCC
RFLDDNQIVTSSGDTTCALWDIETGQQTTTFTGHTGDVMSLSLAPDTRLFVSGACDASAKLWDVREGMCRQTFTGHESDI
NAICFFPNGNAFATGSDDATCRLFDLRADQELMTYSHDNIICGITSVSFSKSGRLLLAGYDDFNCNVWDALKADRAGVLA
GHDNRVSCLGVTDDGMAVATGSWDSFLKIWNGSSGGGGSGGGGSSGVSGWRLFKKIS
;
B
3 'polypeptide(L)'
;MMGCTLSAEDKAAVERSKMIEKQLQKDKQVYRATHRLLLLGADNSGKSTIVKQMRIYHVNGYSEEECKQYKAVVYSNTIQ
SIIAIIRAMGRLKIDFGDSARADDARQLFVLAGAAEEGFMTAELAGVIKRLWKDSGVQACFNRSREYQLNDSAAYYLNDL
DRIAQPNYIPTQQDVLRTRVKTSGIFETKFQVDKVNFHMFDVGAQRDERRKWIQCFNDVTAIIFVVDSSDYNRLQEALND
FKSIWNNRWLRTISVILFLNKQDLLAEKVLAGKSKIEDYFPEFARYTTPEDATPEPGEDPRVTRAKYFIRDEFLRISTAS
GDGRHYCYPHFTCSVDTENARRIFNDCRDIIQRMHLRQYELL
;
A
4 'polypeptide(L)'
;MLLVNQSHQGFNKEHTSKMVSAIVLYVLLAAAAHSAFAVQLVESGGGLVQPGGSRKLSCSASGFAFSSFGMHWVRQAPEK
GLEWVAYISSGSGTIYYADTVKGRFTISRDDPKNTLFLQMTSLRSEDTAMYYCVRSIYYYGSSPFDFWGQGTTLTVSAGG
GGSGGGGSGGGGSADIVMTQATSSVPVTPGESVSISCRSSKSLLHSNGNTYLYWFLQRPGQSPQLLIYRMSNLASGVPDR
FSGSGSGTAFTLTISRLEAEDVGVYYCMQHLEYPLTFGAGTKLEL
;
S
5 'polypeptide(L)' NTASIAQARKLVEQLKMEANIDRIKVSKAAADLMAYCEAHAKEDPLLTPVPASENPFRE Y
#
loop_
_chem_comp.id
_chem_comp.type
_chem_comp.name
_chem_comp.formula
PEA non-polymer 2-PHENYLETHYLAMINE 'C8 H12 N 1'
#
# COMPACT_ATOMS: atom_id res chain seq x y z
N TYR A 36 -25.11 -34.67 30.21
CA TYR A 36 -23.69 -34.30 30.13
C TYR A 36 -22.94 -35.26 29.22
N GLY A 37 -21.63 -35.03 29.08
CA GLY A 37 -20.80 -35.88 28.26
C GLY A 37 -20.76 -35.46 26.81
N VAL A 38 -21.57 -36.11 25.97
CA VAL A 38 -21.58 -35.79 24.55
C VAL A 38 -22.04 -34.35 24.32
N LEU A 39 -23.08 -33.94 25.04
CA LEU A 39 -23.60 -32.59 24.88
C LEU A 39 -22.57 -31.55 25.29
N GLY A 40 -21.82 -31.82 26.36
CA GLY A 40 -20.79 -30.89 26.78
C GLY A 40 -19.68 -30.73 25.77
N LEU A 41 -19.27 -31.83 25.13
CA LEU A 41 -18.22 -31.76 24.12
C LEU A 41 -18.64 -30.89 22.94
N GLY A 42 -19.90 -31.04 22.50
CA GLY A 42 -20.37 -30.22 21.40
C GLY A 42 -20.38 -28.74 21.71
N ALA A 43 -20.52 -28.38 23.00
CA ALA A 43 -20.48 -26.98 23.38
C ALA A 43 -19.05 -26.45 23.34
N LEU A 44 -18.08 -27.24 23.78
CA LEU A 44 -16.69 -26.81 23.76
C LEU A 44 -16.21 -26.59 22.33
N LEU A 45 -16.56 -27.51 21.42
CA LEU A 45 -16.12 -27.38 20.03
C LEU A 45 -16.71 -26.14 19.38
N ALA A 46 -17.98 -25.84 19.68
CA ALA A 46 -18.64 -24.69 19.08
C ALA A 46 -18.08 -23.36 19.54
N VAL A 47 -17.24 -23.33 20.57
CA VAL A 47 -16.63 -22.11 21.06
C VAL A 47 -15.11 -22.14 20.93
N PHE A 48 -14.47 -23.26 21.30
CA PHE A 48 -13.02 -23.35 21.18
C PHE A 48 -12.59 -23.42 19.72
N GLY A 49 -13.24 -24.28 18.95
CA GLY A 49 -12.94 -24.40 17.53
C GLY A 49 -13.46 -23.26 16.68
N ASN A 50 -14.26 -22.38 17.26
CA ASN A 50 -14.77 -21.21 16.56
C ASN A 50 -14.07 -19.92 16.97
N LEU A 51 -13.58 -19.83 18.21
CA LEU A 51 -12.86 -18.63 18.62
C LEU A 51 -11.61 -18.41 17.78
N LEU A 52 -11.01 -19.49 17.28
CA LEU A 52 -9.82 -19.36 16.45
C LEU A 52 -10.12 -18.58 15.17
N VAL A 53 -11.25 -18.87 14.53
CA VAL A 53 -11.57 -18.22 13.26
C VAL A 53 -11.85 -16.74 13.47
N ILE A 54 -12.57 -16.39 14.53
CA ILE A 54 -12.93 -14.99 14.75
C ILE A 54 -11.78 -14.18 15.32
N ILE A 55 -10.83 -14.82 16.01
CA ILE A 55 -9.66 -14.11 16.51
C ILE A 55 -8.63 -13.91 15.41
N ALA A 56 -8.42 -14.92 14.58
CA ALA A 56 -7.34 -14.92 13.59
C ALA A 56 -7.77 -14.32 12.26
N ILE A 57 -8.74 -13.41 12.26
CA ILE A 57 -9.09 -12.66 11.05
C ILE A 57 -8.94 -11.18 11.34
N LEU A 58 -9.47 -10.74 12.48
CA LEU A 58 -9.35 -9.33 12.86
C LEU A 58 -7.92 -8.95 13.16
N HIS A 59 -7.18 -9.84 13.84
CA HIS A 59 -5.80 -9.51 14.21
C HIS A 59 -4.87 -9.52 13.02
N PHE A 60 -5.12 -10.41 12.05
CA PHE A 60 -4.23 -10.60 10.91
C PHE A 60 -4.70 -9.75 9.74
N LYS A 61 -3.85 -8.85 9.27
CA LYS A 61 -4.15 -8.07 8.08
C LYS A 61 -3.90 -8.84 6.80
N GLN A 62 -3.22 -9.99 6.89
CA GLN A 62 -3.01 -10.82 5.70
C GLN A 62 -4.29 -11.47 5.23
N LEU A 63 -5.28 -11.63 6.13
CA LEU A 63 -6.52 -12.33 5.83
C LEU A 63 -7.73 -11.40 5.84
N HIS A 64 -7.53 -10.14 5.47
CA HIS A 64 -8.61 -9.16 5.48
C HIS A 64 -9.36 -9.12 4.15
N THR A 65 -9.36 -10.21 3.39
CA THR A 65 -10.04 -10.25 2.12
C THR A 65 -11.56 -10.20 2.32
N PRO A 66 -12.30 -9.57 1.40
CA PRO A 66 -13.75 -9.46 1.57
C PRO A 66 -14.46 -10.78 1.69
N THR A 67 -13.96 -11.83 1.05
CA THR A 67 -14.58 -13.15 1.20
C THR A 67 -14.38 -13.72 2.59
N ASN A 68 -13.31 -13.32 3.27
CA ASN A 68 -13.03 -13.84 4.61
C ASN A 68 -13.84 -13.16 5.70
N PHE A 69 -14.47 -12.03 5.40
CA PHE A 69 -15.31 -11.39 6.40
C PHE A 69 -16.64 -12.11 6.57
N LEU A 70 -17.13 -12.77 5.52
CA LEU A 70 -18.32 -13.60 5.63
C LEU A 70 -18.08 -14.78 6.54
N VAL A 71 -16.89 -15.37 6.46
CA VAL A 71 -16.54 -16.47 7.36
C VAL A 71 -16.49 -15.99 8.80
N ALA A 72 -16.02 -14.76 9.02
CA ALA A 72 -16.00 -14.21 10.38
C ALA A 72 -17.41 -14.06 10.94
N SER A 73 -18.35 -13.56 10.12
CA SER A 73 -19.73 -13.42 10.57
C SER A 73 -20.35 -14.78 10.87
N LEU A 74 -20.09 -15.76 10.01
CA LEU A 74 -20.58 -17.12 10.27
C LEU A 74 -20.01 -17.66 11.57
N ALA A 75 -18.72 -17.40 11.82
CA ALA A 75 -18.11 -17.83 13.08
C ALA A 75 -18.76 -17.16 14.27
N CYS A 76 -19.08 -15.87 14.15
CA CYS A 76 -19.75 -15.18 15.25
C CYS A 76 -21.11 -15.80 15.54
N ALA A 77 -21.87 -16.10 14.49
CA ALA A 77 -23.18 -16.73 14.70
C ALA A 77 -23.04 -18.09 15.37
N ASP A 78 -22.07 -18.90 14.94
CA ASP A 78 -21.88 -20.21 15.55
C ASP A 78 -21.42 -20.07 17.01
N PHE A 79 -20.57 -19.09 17.28
CA PHE A 79 -20.12 -18.85 18.65
C PHE A 79 -21.28 -18.46 19.56
N LEU A 80 -22.17 -17.59 19.05
CA LEU A 80 -23.34 -17.22 19.83
C LEU A 80 -24.25 -18.42 20.07
N VAL A 81 -24.40 -19.30 19.09
CA VAL A 81 -25.14 -20.54 19.32
C VAL A 81 -24.49 -21.34 20.44
N GLY A 82 -23.16 -21.44 20.42
CA GLY A 82 -22.47 -22.23 21.41
C GLY A 82 -22.50 -21.65 22.82
N VAL A 83 -22.64 -20.33 22.95
CA VAL A 83 -22.57 -19.72 24.27
C VAL A 83 -23.96 -19.50 24.86
N THR A 84 -24.94 -19.19 24.02
CA THR A 84 -26.22 -18.69 24.50
C THR A 84 -27.31 -19.75 24.48
N VAL A 85 -27.58 -20.37 23.33
CA VAL A 85 -28.74 -21.24 23.22
C VAL A 85 -28.40 -22.67 23.61
N MET A 86 -27.13 -23.07 23.46
CA MET A 86 -26.79 -24.47 23.68
C MET A 86 -26.71 -24.83 25.15
N PRO A 87 -26.04 -24.05 26.02
CA PRO A 87 -26.01 -24.42 27.44
C PRO A 87 -27.40 -24.51 28.07
N PHE A 88 -28.31 -23.62 27.70
CA PHE A 88 -29.66 -23.66 28.27
C PHE A 88 -30.43 -24.86 27.74
N SER A 89 -30.26 -25.19 26.46
CA SER A 89 -30.94 -26.35 25.90
C SER A 89 -30.31 -27.66 26.37
N THR A 90 -29.11 -27.61 26.95
CA THR A 90 -28.50 -28.83 27.47
C THR A 90 -29.32 -29.42 28.62
N VAL A 91 -29.64 -28.60 29.63
CA VAL A 91 -30.42 -29.10 30.75
C VAL A 91 -31.85 -29.42 30.32
N ARG A 92 -32.35 -28.71 29.32
CA ARG A 92 -33.70 -28.97 28.84
C ARG A 92 -33.82 -30.38 28.26
N SER A 93 -32.74 -30.89 27.69
CA SER A 93 -32.77 -32.21 27.07
C SER A 93 -32.37 -33.33 28.02
N VAL A 94 -31.95 -33.00 29.24
CA VAL A 94 -31.58 -34.02 30.21
C VAL A 94 -32.54 -34.09 31.39
N GLU A 95 -33.40 -33.10 31.59
CA GLU A 95 -34.41 -33.13 32.63
C GLU A 95 -35.83 -33.21 32.07
N SER A 96 -35.99 -33.08 30.75
CA SER A 96 -37.28 -33.19 30.09
C SER A 96 -38.29 -32.18 30.63
N CYS A 97 -37.80 -31.01 31.04
CA CYS A 97 -38.67 -29.97 31.58
C CYS A 97 -37.97 -28.63 31.50
N TRP A 98 -38.77 -27.57 31.34
CA TRP A 98 -38.24 -26.21 31.29
C TRP A 98 -38.23 -25.66 32.71
N TYR A 99 -37.12 -25.89 33.41
CA TYR A 99 -37.00 -25.44 34.80
C TYR A 99 -37.03 -23.92 34.90
N PHE A 100 -36.60 -23.22 33.86
CA PHE A 100 -36.34 -21.78 33.95
C PHE A 100 -37.57 -20.97 33.57
N GLY A 101 -38.68 -21.29 34.23
CA GLY A 101 -39.89 -20.50 34.05
C GLY A 101 -40.47 -20.60 32.65
N GLU A 102 -41.23 -19.58 32.29
CA GLU A 102 -41.93 -19.52 31.02
C GLU A 102 -41.48 -18.37 30.13
N SER A 103 -41.05 -17.26 30.72
CA SER A 103 -40.52 -16.18 29.92
C SER A 103 -39.26 -16.67 29.23
N TYR A 104 -38.44 -17.41 29.97
CA TYR A 104 -37.22 -17.93 29.38
C TYR A 104 -37.57 -18.65 28.10
N CYS A 105 -38.59 -19.49 28.15
CA CYS A 105 -39.01 -20.24 26.96
C CYS A 105 -39.49 -19.34 25.85
N LYS A 106 -40.48 -18.50 26.15
CA LYS A 106 -41.04 -17.60 25.15
C LYS A 106 -39.92 -16.83 24.47
N PHE A 107 -38.76 -16.80 25.12
CA PHE A 107 -37.61 -16.08 24.57
C PHE A 107 -36.56 -17.03 24.05
N HIS A 108 -36.29 -18.10 24.79
CA HIS A 108 -35.22 -19.01 24.36
C HIS A 108 -35.48 -19.57 22.97
N THR A 109 -36.75 -19.80 22.63
CA THR A 109 -37.07 -20.41 21.34
C THR A 109 -36.87 -19.42 20.20
N CYS A 110 -37.34 -18.19 20.36
CA CYS A 110 -37.40 -17.28 19.22
C CYS A 110 -36.01 -16.97 18.66
N PHE A 111 -35.04 -16.71 19.52
CA PHE A 111 -33.70 -16.43 18.99
C PHE A 111 -32.99 -17.69 18.51
N ASP A 112 -33.43 -18.85 19.01
CA ASP A 112 -32.87 -20.11 18.53
C ASP A 112 -33.28 -20.19 17.06
N THR A 113 -34.58 -20.10 16.80
CA THR A 113 -35.06 -20.10 15.42
C THR A 113 -34.47 -18.94 14.63
N SER A 114 -34.09 -17.86 15.30
CA SER A 114 -33.60 -16.68 14.59
C SER A 114 -32.21 -16.91 14.05
N PHE A 115 -31.24 -17.10 14.93
CA PHE A 115 -29.84 -17.15 14.52
C PHE A 115 -29.29 -18.57 14.51
N CYS A 116 -30.15 -19.57 14.67
CA CYS A 116 -29.83 -20.92 14.23
C CYS A 116 -30.13 -21.10 12.75
N PHE A 117 -31.06 -20.31 12.23
CA PHE A 117 -31.32 -20.21 10.80
C PHE A 117 -30.50 -19.13 10.13
N ALA A 118 -29.73 -18.35 10.90
CA ALA A 118 -28.79 -17.41 10.29
C ALA A 118 -27.47 -18.07 9.94
N SER A 119 -27.22 -19.28 10.44
CA SER A 119 -26.06 -20.04 9.98
C SER A 119 -26.28 -20.56 8.56
N LEU A 120 -27.53 -20.81 8.18
CA LEU A 120 -27.81 -21.33 6.85
C LEU A 120 -27.61 -20.27 5.78
N PHE A 121 -28.03 -19.02 6.05
CA PHE A 121 -27.87 -17.97 5.06
C PHE A 121 -26.40 -17.71 4.76
N HIS A 122 -25.54 -17.85 5.76
CA HIS A 122 -24.12 -17.67 5.53
C HIS A 122 -23.58 -18.73 4.58
N LEU A 123 -24.03 -19.99 4.74
CA LEU A 123 -23.63 -21.04 3.81
C LEU A 123 -24.17 -20.76 2.41
N CYS A 124 -25.41 -20.30 2.33
CA CYS A 124 -25.99 -19.97 1.03
C CYS A 124 -25.17 -18.90 0.34
N CYS A 125 -24.70 -17.91 1.09
CA CYS A 125 -23.94 -16.82 0.50
C CYS A 125 -22.49 -17.20 0.19
N ILE A 126 -21.90 -18.10 0.98
CA ILE A 126 -20.58 -18.63 0.64
C ILE A 126 -20.66 -19.41 -0.67
N SER A 127 -21.76 -20.12 -0.89
CA SER A 127 -21.95 -20.81 -2.16
C SER A 127 -21.99 -19.83 -3.32
N ILE A 128 -22.71 -18.74 -3.16
CA ILE A 128 -22.80 -17.74 -4.22
C ILE A 128 -21.41 -17.17 -4.46
N ASP A 129 -20.63 -17.05 -3.39
CA ASP A 129 -19.28 -16.58 -3.54
C ASP A 129 -18.53 -17.51 -4.47
N ARG A 130 -18.47 -18.78 -4.11
CA ARG A 130 -17.73 -19.74 -4.93
C ARG A 130 -18.21 -19.73 -6.37
N TYR A 131 -19.52 -19.62 -6.57
CA TYR A 131 -20.08 -19.62 -7.92
C TYR A 131 -19.60 -18.41 -8.71
N ILE A 132 -19.58 -17.23 -8.09
CA ILE A 132 -19.08 -16.05 -8.80
C ILE A 132 -17.58 -16.19 -9.05
N ALA A 133 -16.84 -16.78 -8.11
CA ALA A 133 -15.41 -16.93 -8.30
C ALA A 133 -15.09 -17.86 -9.47
N VAL A 134 -15.81 -18.96 -9.61
CA VAL A 134 -15.46 -20.00 -10.57
C VAL A 134 -16.16 -19.80 -11.91
N THR A 135 -17.48 -19.62 -11.89
CA THR A 135 -18.22 -19.48 -13.14
C THR A 135 -17.80 -18.23 -13.91
N ASP A 136 -17.58 -17.13 -13.20
CA ASP A 136 -17.25 -15.84 -13.81
C ASP A 136 -15.94 -15.36 -13.20
N PRO A 137 -14.80 -15.88 -13.66
CA PRO A 137 -13.53 -15.58 -12.99
C PRO A 137 -12.92 -14.25 -13.39
N LEU A 138 -13.35 -13.66 -14.50
CA LEU A 138 -12.77 -12.39 -14.91
C LEU A 138 -13.18 -11.25 -14.00
N THR A 139 -14.36 -11.32 -13.39
CA THR A 139 -14.88 -10.18 -12.65
C THR A 139 -15.18 -10.54 -11.19
N TYR A 140 -14.28 -11.29 -10.55
CA TYR A 140 -14.52 -11.71 -9.19
C TYR A 140 -14.24 -10.57 -8.20
N PRO A 141 -13.09 -9.90 -8.29
CA PRO A 141 -12.85 -8.76 -7.39
C PRO A 141 -13.74 -7.56 -7.73
N THR A 142 -14.25 -7.46 -8.95
CA THR A 142 -15.10 -6.36 -9.34
C THR A 142 -16.48 -6.47 -8.68
N LYS A 143 -17.05 -7.67 -8.66
CA LYS A 143 -18.37 -7.85 -8.07
C LYS A 143 -18.32 -8.08 -6.57
N PHE A 144 -17.29 -8.78 -6.07
CA PHE A 144 -17.22 -9.13 -4.66
C PHE A 144 -16.31 -8.17 -3.91
N THR A 145 -16.79 -6.96 -3.71
CA THR A 145 -16.03 -6.00 -2.93
C THR A 145 -16.45 -6.16 -1.49
N VAL A 146 -15.92 -5.33 -0.60
CA VAL A 146 -16.35 -5.39 0.79
C VAL A 146 -17.76 -4.86 0.92
N SER A 147 -18.14 -3.92 0.06
CA SER A 147 -19.48 -3.34 0.12
C SER A 147 -20.55 -4.41 -0.04
N VAL A 148 -20.24 -5.44 -0.82
CA VAL A 148 -21.21 -6.50 -1.07
C VAL A 148 -21.19 -7.56 0.03
N SER A 149 -20.00 -7.93 0.49
CA SER A 149 -19.90 -8.84 1.62
C SER A 149 -20.40 -8.20 2.92
N GLY A 150 -20.58 -6.88 2.95
CA GLY A 150 -21.18 -6.22 4.09
C GLY A 150 -22.69 -6.17 3.99
N LEU A 151 -23.20 -6.29 2.76
CA LEU A 151 -24.64 -6.39 2.56
C LEU A 151 -25.17 -7.79 2.76
N CYS A 152 -24.32 -8.81 2.61
CA CYS A 152 -24.73 -10.17 2.90
C CYS A 152 -24.82 -10.44 4.38
N ILE A 153 -23.96 -9.83 5.19
CA ILE A 153 -24.00 -10.04 6.63
C ILE A 153 -25.24 -9.38 7.23
N ALA A 154 -25.56 -8.17 6.80
CA ALA A 154 -26.76 -7.51 7.31
C ALA A 154 -28.01 -8.30 6.96
N LEU A 155 -28.10 -8.80 5.74
CA LEU A 155 -29.25 -9.62 5.37
C LEU A 155 -29.28 -10.90 6.20
N SER A 156 -28.14 -11.58 6.29
CA SER A 156 -28.08 -12.84 7.03
C SER A 156 -28.40 -12.68 8.51
N TRP A 157 -28.18 -11.50 9.07
CA TRP A 157 -28.39 -11.29 10.49
C TRP A 157 -29.76 -10.72 10.82
N PHE A 158 -30.26 -9.79 10.02
CA PHE A 158 -31.50 -9.08 10.38
C PHE A 158 -32.74 -9.83 9.90
N PHE A 159 -32.71 -10.32 8.66
CA PHE A 159 -33.87 -11.02 8.11
C PHE A 159 -34.12 -12.32 8.87
N SER A 160 -33.07 -13.03 9.23
CA SER A 160 -33.21 -14.28 9.96
C SER A 160 -33.76 -14.07 11.37
N VAL A 161 -33.83 -12.83 11.82
CA VAL A 161 -34.29 -12.53 13.17
C VAL A 161 -35.67 -11.90 13.17
N THR A 162 -35.96 -11.03 12.20
CA THR A 162 -37.23 -10.32 12.20
C THR A 162 -38.42 -11.23 11.90
N TYR A 163 -38.17 -12.36 11.25
CA TYR A 163 -39.22 -13.31 10.93
C TYR A 163 -39.46 -14.27 12.10
N SER A 164 -38.39 -14.53 12.86
CA SER A 164 -38.50 -15.38 14.04
C SER A 164 -39.23 -14.67 15.15
N PHE A 165 -38.74 -13.50 15.52
CA PHE A 165 -39.36 -12.76 16.62
C PHE A 165 -40.79 -12.36 16.31
N SER A 166 -41.19 -12.40 15.04
CA SER A 166 -42.57 -12.14 14.65
C SER A 166 -43.42 -13.40 14.61
N ILE A 167 -42.86 -14.56 14.95
CA ILE A 167 -43.57 -15.82 14.96
C ILE A 167 -43.78 -16.34 16.38
N PHE A 168 -42.73 -16.26 17.21
CA PHE A 168 -42.85 -16.79 18.57
C PHE A 168 -43.63 -15.85 19.48
N TYR A 169 -43.47 -14.54 19.31
CA TYR A 169 -44.11 -13.58 20.21
C TYR A 169 -45.49 -13.15 19.72
N THR A 170 -45.60 -12.79 18.43
CA THR A 170 -46.88 -12.32 17.90
C THR A 170 -47.96 -13.40 17.97
N GLY A 171 -47.58 -14.67 18.04
CA GLY A 171 -48.55 -15.74 18.12
C GLY A 171 -48.95 -16.33 16.78
N ALA A 172 -48.33 -15.90 15.69
CA ALA A 172 -48.57 -16.51 14.39
C ALA A 172 -48.01 -17.92 14.30
N ASN A 173 -47.21 -18.34 15.28
CA ASN A 173 -46.68 -19.70 15.28
C ASN A 173 -47.79 -20.72 15.37
N GLU A 174 -48.77 -20.49 16.24
CA GLU A 174 -49.87 -21.42 16.47
C GLU A 174 -51.19 -20.76 16.13
N GLU A 175 -51.87 -21.29 15.12
CA GLU A 175 -53.25 -20.89 14.83
C GLU A 175 -54.26 -21.70 15.64
N GLY A 176 -53.93 -22.93 15.98
CA GLY A 176 -54.74 -23.71 16.90
C GLY A 176 -53.97 -23.99 18.17
N ILE A 177 -54.37 -23.34 19.27
CA ILE A 177 -53.64 -23.42 20.53
C ILE A 177 -54.18 -24.50 21.46
N GLU A 178 -55.40 -24.98 21.23
CA GLU A 178 -55.99 -25.98 22.11
C GLU A 178 -55.15 -27.25 22.13
N GLU A 179 -54.72 -27.72 20.96
CA GLU A 179 -53.85 -28.89 20.91
C GLU A 179 -52.44 -28.58 21.39
N LEU A 180 -52.01 -27.32 21.25
CA LEU A 180 -50.67 -26.94 21.69
C LEU A 180 -50.53 -27.07 23.20
N VAL A 181 -51.57 -26.67 23.94
CA VAL A 181 -51.46 -26.60 25.40
C VAL A 181 -51.29 -28.00 25.98
N VAL A 182 -52.14 -28.93 25.58
CA VAL A 182 -52.11 -30.26 26.16
C VAL A 182 -50.79 -30.98 25.97
N ALA A 183 -50.26 -30.96 24.75
CA ALA A 183 -49.04 -31.72 24.46
C ALA A 183 -47.79 -31.04 25.01
N LEU A 184 -47.76 -29.71 25.03
CA LEU A 184 -46.55 -28.95 25.33
C LEU A 184 -46.51 -28.43 26.76
N THR A 185 -47.52 -27.67 27.17
CA THR A 185 -47.40 -26.91 28.41
C THR A 185 -47.64 -27.78 29.65
N CYS A 186 -48.77 -28.51 29.68
CA CYS A 186 -49.15 -29.22 30.89
C CYS A 186 -48.10 -30.24 31.30
N VAL A 187 -47.58 -31.01 30.34
CA VAL A 187 -46.51 -31.94 30.66
C VAL A 187 -45.24 -31.20 31.06
N GLY A 188 -45.01 -30.03 30.46
CA GLY A 188 -43.81 -29.26 30.70
C GLY A 188 -42.88 -29.30 29.50
N GLY A 189 -41.72 -28.68 29.64
CA GLY A 189 -40.76 -28.64 28.54
C GLY A 189 -41.17 -27.77 27.38
N CYS A 190 -40.20 -27.32 26.58
CA CYS A 190 -40.51 -26.51 25.40
C CYS A 190 -39.90 -27.13 24.16
N GLN A 191 -40.71 -27.30 23.11
CA GLN A 191 -40.21 -27.92 21.88
C GLN A 191 -40.64 -27.14 20.66
N ALA A 192 -41.25 -25.98 20.87
CA ALA A 192 -41.69 -25.15 19.74
C ALA A 192 -42.41 -25.93 18.65
N PRO A 193 -43.59 -26.48 18.97
CA PRO A 193 -44.36 -27.16 17.93
C PRO A 193 -44.93 -26.11 16.98
N LEU A 194 -45.06 -26.44 15.70
CA LEU A 194 -45.56 -25.53 14.69
C LEU A 194 -46.84 -26.11 14.08
N ASN A 195 -47.78 -25.21 13.78
CA ASN A 195 -49.03 -25.63 13.17
C ASN A 195 -48.83 -25.90 11.69
N GLN A 196 -49.84 -26.46 11.04
CA GLN A 196 -49.70 -26.84 9.65
C GLN A 196 -49.54 -25.62 8.74
N ASN A 197 -50.30 -24.56 8.99
CA ASN A 197 -50.27 -23.40 8.10
C ASN A 197 -48.91 -22.72 8.09
N TRP A 198 -48.21 -22.71 9.23
CA TRP A 198 -46.94 -22.00 9.34
C TRP A 198 -45.73 -22.93 9.34
N VAL A 199 -45.92 -24.23 9.49
CA VAL A 199 -44.77 -25.14 9.45
C VAL A 199 -44.20 -25.20 8.04
N LEU A 200 -45.05 -25.04 7.02
CA LEU A 200 -44.56 -25.00 5.65
C LEU A 200 -43.66 -23.79 5.44
N LEU A 201 -44.00 -22.65 6.04
CA LEU A 201 -43.13 -21.48 5.97
C LEU A 201 -41.79 -21.74 6.64
N CYS A 202 -41.81 -22.44 7.76
CA CYS A 202 -40.55 -22.78 8.41
C CYS A 202 -39.69 -23.58 7.45
N PHE A 203 -40.28 -24.57 6.81
CA PHE A 203 -39.53 -25.42 5.89
C PHE A 203 -38.92 -24.59 4.76
N LEU A 204 -39.67 -23.60 4.25
CA LEU A 204 -39.22 -22.83 3.10
C LEU A 204 -38.07 -21.89 3.43
N LEU A 205 -37.75 -21.68 4.70
CA LEU A 205 -36.54 -20.98 5.09
C LEU A 205 -35.39 -21.95 5.40
N PHE A 206 -35.54 -23.22 5.03
CA PHE A 206 -34.43 -24.15 4.87
C PHE A 206 -34.29 -24.66 3.45
N PHE A 207 -35.39 -24.71 2.69
CA PHE A 207 -35.32 -25.14 1.30
C PHE A 207 -34.49 -24.18 0.47
N LEU A 208 -34.79 -22.88 0.56
CA LEU A 208 -34.02 -21.89 -0.19
C LEU A 208 -32.55 -21.85 0.21
N PRO A 209 -32.17 -21.86 1.48
CA PRO A 209 -30.74 -21.99 1.82
C PRO A 209 -30.14 -23.31 1.38
N THR A 210 -30.94 -24.29 0.98
CA THR A 210 -30.43 -25.56 0.49
C THR A 210 -30.50 -25.70 -1.02
N VAL A 211 -31.52 -25.15 -1.66
CA VAL A 211 -31.64 -25.25 -3.11
C VAL A 211 -30.52 -24.48 -3.79
N VAL A 212 -30.11 -23.35 -3.20
CA VAL A 212 -29.02 -22.56 -3.78
C VAL A 212 -27.69 -23.29 -3.61
N MET A 213 -27.50 -23.96 -2.46
CA MET A 213 -26.23 -24.64 -2.22
C MET A 213 -25.99 -25.77 -3.21
N VAL A 214 -27.01 -26.56 -3.52
CA VAL A 214 -26.79 -27.73 -4.38
C VAL A 214 -26.76 -27.33 -5.84
N PHE A 215 -27.61 -26.39 -6.25
CA PHE A 215 -27.60 -25.95 -7.64
C PHE A 215 -26.29 -25.26 -7.99
N LEU A 216 -25.74 -24.47 -7.08
CA LEU A 216 -24.46 -23.81 -7.30
C LEU A 216 -23.27 -24.73 -7.04
N TYR A 217 -23.50 -25.95 -6.58
CA TYR A 217 -22.45 -26.94 -6.48
C TYR A 217 -22.57 -28.03 -7.52
N GLY A 218 -23.77 -28.22 -8.10
CA GLY A 218 -23.87 -29.09 -9.25
C GLY A 218 -23.15 -28.52 -10.47
N ARG A 219 -23.34 -27.22 -10.72
CA ARG A 219 -22.66 -26.59 -11.84
C ARG A 219 -21.15 -26.59 -11.66
N ILE A 220 -20.69 -26.32 -10.44
CA ILE A 220 -19.26 -26.25 -10.19
C ILE A 220 -18.61 -27.62 -10.36
N PHE A 221 -19.32 -28.68 -9.98
CA PHE A 221 -18.76 -30.01 -10.13
C PHE A 221 -18.47 -30.29 -11.58
N LEU A 222 -19.39 -29.91 -12.46
CA LEU A 222 -19.20 -30.12 -13.88
C LEU A 222 -18.07 -29.26 -14.41
N VAL A 223 -18.09 -27.98 -14.07
CA VAL A 223 -17.05 -27.06 -14.54
C VAL A 223 -15.67 -27.55 -14.12
N ALA A 224 -15.54 -27.95 -12.85
CA ALA A 224 -14.27 -28.48 -12.37
C ALA A 224 -13.96 -29.86 -12.93
N LYS A 225 -14.92 -30.49 -13.61
CA LYS A 225 -14.67 -31.75 -14.28
C LYS A 225 -14.09 -31.54 -15.68
N TYR A 226 -14.72 -30.65 -16.46
CA TYR A 226 -14.26 -30.36 -17.80
C TYR A 226 -12.91 -29.67 -17.84
N GLN A 227 -12.46 -29.09 -16.73
CA GLN A 227 -11.17 -28.42 -16.68
C GLN A 227 -10.05 -29.32 -16.22
N ALA A 228 -10.36 -30.43 -15.56
CA ALA A 228 -9.34 -31.44 -15.27
C ALA A 228 -9.10 -32.37 -16.44
N ARG A 229 -10.10 -32.57 -17.29
CA ARG A 229 -9.89 -33.30 -18.54
C ARG A 229 -9.18 -32.45 -19.58
N LYS A 230 -9.36 -31.13 -19.50
CA LYS A 230 -8.71 -30.22 -20.44
C LYS A 230 -7.20 -30.19 -20.26
N ILE A 231 -6.74 -30.41 -19.02
CA ILE A 231 -5.31 -30.38 -18.76
C ILE A 231 -4.62 -31.57 -19.40
N GLU A 232 -5.20 -32.76 -19.28
CA GLU A 232 -4.63 -33.95 -19.91
C GLU A 232 -4.81 -33.91 -21.44
N GLU A 253 -11.15 -33.15 -10.79
CA GLU A 253 -11.95 -34.36 -10.94
C GLU A 253 -11.95 -35.17 -9.66
N ARG A 254 -10.81 -35.81 -9.38
CA ARG A 254 -10.70 -36.61 -8.16
C ARG A 254 -10.80 -35.73 -6.91
N LYS A 255 -10.24 -34.53 -6.96
CA LYS A 255 -10.25 -33.67 -5.78
C LYS A 255 -11.52 -32.83 -5.70
N ALA A 256 -12.08 -32.43 -6.84
CA ALA A 256 -13.30 -31.63 -6.83
C ALA A 256 -14.47 -32.40 -6.24
N ALA A 257 -14.57 -33.69 -6.55
CA ALA A 257 -15.66 -34.49 -6.01
C ALA A 257 -15.53 -34.66 -4.51
N LYS A 258 -14.31 -34.85 -4.00
CA LYS A 258 -14.12 -35.02 -2.57
C LYS A 258 -14.41 -33.74 -1.80
N THR A 259 -13.94 -32.60 -2.32
CA THR A 259 -14.16 -31.34 -1.63
C THR A 259 -15.62 -30.93 -1.65
N LEU A 260 -16.26 -31.00 -2.82
CA LEU A 260 -17.68 -30.66 -2.90
C LEU A 260 -18.54 -31.68 -2.15
N GLY A 261 -18.10 -32.93 -2.08
CA GLY A 261 -18.87 -33.92 -1.36
C GLY A 261 -18.98 -33.60 0.12
N ILE A 262 -17.85 -33.24 0.74
CA ILE A 262 -17.85 -32.92 2.17
C ILE A 262 -18.66 -31.66 2.44
N ALA A 263 -18.48 -30.63 1.61
CA ALA A 263 -19.19 -29.38 1.83
C ALA A 263 -20.69 -29.50 1.59
N MET A 264 -21.15 -30.58 0.98
CA MET A 264 -22.58 -30.78 0.76
C MET A 264 -23.17 -31.91 1.60
N ALA A 265 -22.36 -32.90 1.97
CA ALA A 265 -22.86 -33.98 2.83
C ALA A 265 -22.95 -33.53 4.28
N ALA A 266 -22.03 -32.68 4.73
CA ALA A 266 -22.08 -32.19 6.09
C ALA A 266 -23.34 -31.38 6.34
N PHE A 267 -23.74 -30.56 5.37
CA PHE A 267 -24.95 -29.76 5.53
C PHE A 267 -26.21 -30.63 5.43
N LEU A 268 -26.23 -31.55 4.47
CA LEU A 268 -27.44 -32.33 4.24
C LEU A 268 -27.65 -33.39 5.32
N VAL A 269 -26.57 -33.95 5.87
CA VAL A 269 -26.72 -34.99 6.88
C VAL A 269 -27.15 -34.45 8.23
N SER A 270 -27.18 -33.13 8.41
CA SER A 270 -27.55 -32.55 9.70
C SER A 270 -28.84 -31.74 9.62
N TRP A 271 -28.89 -30.73 8.75
CA TRP A 271 -30.06 -29.86 8.72
C TRP A 271 -31.27 -30.55 8.09
N LEU A 272 -31.04 -31.32 7.02
CA LEU A 272 -32.15 -31.93 6.31
C LEU A 272 -32.93 -32.94 7.16
N PRO A 273 -32.31 -33.90 7.86
CA PRO A 273 -33.12 -34.91 8.57
C PRO A 273 -34.05 -34.31 9.61
N TYR A 274 -33.58 -33.29 10.33
CA TYR A 274 -34.39 -32.66 11.37
C TYR A 274 -35.57 -31.85 10.83
N ILE A 275 -35.33 -31.07 9.79
CA ILE A 275 -36.38 -30.24 9.21
C ILE A 275 -37.41 -31.11 8.51
N ILE A 276 -36.98 -32.22 7.89
CA ILE A 276 -37.91 -33.11 7.20
C ILE A 276 -38.91 -33.70 8.20
N ASP A 277 -38.42 -34.16 9.34
CA ASP A 277 -39.32 -34.69 10.35
C ASP A 277 -40.08 -33.59 11.07
N ALA A 278 -39.62 -32.34 11.00
CA ALA A 278 -40.29 -31.22 11.64
C ALA A 278 -41.31 -30.55 10.75
N VAL A 279 -41.39 -30.91 9.47
CA VAL A 279 -42.36 -30.28 8.57
C VAL A 279 -43.59 -31.17 8.43
N ILE A 280 -43.41 -32.48 8.55
CA ILE A 280 -44.53 -33.41 8.37
C ILE A 280 -45.29 -33.68 9.66
N ASP A 281 -44.76 -33.23 10.79
CA ASP A 281 -45.41 -33.49 12.08
C ASP A 281 -46.62 -32.61 12.35
N ALA A 282 -46.98 -31.76 11.37
CA ALA A 282 -48.16 -30.93 11.52
C ALA A 282 -49.26 -31.46 10.63
N TYR A 283 -49.02 -32.59 9.96
CA TYR A 283 -50.02 -33.23 9.11
C TYR A 283 -50.42 -34.60 9.65
N MET A 284 -49.44 -35.47 9.87
CA MET A 284 -49.68 -36.81 10.41
C MET A 284 -49.70 -36.81 11.91
N ASN A 285 -50.58 -36.00 12.50
CA ASN A 285 -50.71 -35.87 13.95
C ASN A 285 -49.31 -35.64 14.54
N PHE A 286 -49.00 -36.16 15.72
CA PHE A 286 -47.72 -35.92 16.36
C PHE A 286 -47.16 -37.24 16.89
N ILE A 287 -47.18 -38.26 16.03
CA ILE A 287 -46.82 -39.61 16.43
C ILE A 287 -45.36 -39.68 16.85
N THR A 288 -44.55 -38.73 16.38
CA THR A 288 -43.13 -38.76 16.70
C THR A 288 -42.89 -38.54 18.18
N PRO A 289 -42.22 -39.48 18.84
CA PRO A 289 -42.01 -39.35 20.29
C PRO A 289 -41.17 -38.14 20.63
N ALA A 290 -41.44 -37.57 21.80
CA ALA A 290 -40.67 -36.41 22.25
C ALA A 290 -39.20 -36.78 22.48
N TYR A 291 -38.96 -38.00 22.96
CA TYR A 291 -37.60 -38.42 23.27
C TYR A 291 -36.72 -38.59 22.04
N VAL A 292 -37.33 -38.78 20.86
CA VAL A 292 -36.58 -39.02 19.64
C VAL A 292 -36.39 -37.67 18.94
N TYR A 293 -36.76 -36.60 19.63
CA TYR A 293 -36.62 -35.25 19.11
C TYR A 293 -35.40 -34.52 19.64
N GLU A 294 -34.85 -34.94 20.78
CA GLU A 294 -33.65 -34.31 21.30
C GLU A 294 -32.47 -34.51 20.36
N ILE A 295 -32.30 -35.71 19.82
CA ILE A 295 -31.22 -35.95 18.86
C ILE A 295 -31.44 -35.09 17.63
N LEU A 296 -32.69 -34.94 17.20
CA LEU A 296 -32.97 -34.14 16.01
C LEU A 296 -32.61 -32.68 16.22
N VAL A 297 -32.94 -32.12 17.38
CA VAL A 297 -32.57 -30.71 17.61
C VAL A 297 -31.06 -30.59 17.79
N TRP A 298 -30.41 -31.62 18.35
CA TRP A 298 -28.97 -31.56 18.55
C TRP A 298 -28.17 -31.74 17.27
N CYS A 299 -28.77 -32.32 16.23
CA CYS A 299 -28.05 -32.50 14.97
C CYS A 299 -27.62 -31.17 14.37
N VAL A 300 -28.52 -30.19 14.39
CA VAL A 300 -28.22 -28.88 13.83
C VAL A 300 -27.19 -28.17 14.69
N TYR A 301 -27.10 -28.56 15.95
CA TYR A 301 -26.13 -27.99 16.87
C TYR A 301 -24.78 -28.59 16.52
N TYR A 302 -24.81 -29.85 16.12
CA TYR A 302 -23.60 -30.55 15.72
C TYR A 302 -23.08 -29.88 14.46
N ASN A 303 -23.99 -29.64 13.52
CA ASN A 303 -23.63 -29.00 12.26
C ASN A 303 -22.93 -27.67 12.52
N SER A 304 -23.48 -26.85 13.41
CA SER A 304 -22.88 -25.56 13.73
C SER A 304 -21.52 -25.70 14.38
N ALA A 305 -21.22 -26.84 15.00
CA ALA A 305 -19.91 -27.06 15.59
C ALA A 305 -18.85 -27.41 14.55
N MET A 306 -19.21 -28.16 13.51
CA MET A 306 -18.27 -28.54 12.46
C MET A 306 -18.09 -27.46 11.40
N ASN A 307 -18.94 -26.44 11.36
CA ASN A 307 -18.85 -25.45 10.30
C ASN A 307 -17.44 -24.82 10.22
N PRO A 308 -16.95 -24.24 11.33
CA PRO A 308 -15.60 -23.64 11.20
C PRO A 308 -14.52 -24.64 10.85
N LEU A 309 -14.87 -25.91 10.66
CA LEU A 309 -13.90 -26.93 10.30
C LEU A 309 -13.95 -27.29 8.83
N ILE A 310 -15.13 -27.34 8.23
CA ILE A 310 -15.22 -27.55 6.80
C ILE A 310 -14.75 -26.30 6.06
N TYR A 311 -15.13 -25.13 6.55
CA TYR A 311 -14.67 -23.87 6.00
C TYR A 311 -13.55 -23.32 6.89
N ALA A 312 -12.57 -22.67 6.26
CA ALA A 312 -11.48 -21.96 6.91
C ALA A 312 -10.52 -22.87 7.65
N PHE A 313 -10.74 -24.19 7.59
CA PHE A 313 -9.82 -25.12 8.23
C PHE A 313 -9.37 -26.21 7.24
N PHE A 314 -10.16 -26.44 6.19
CA PHE A 314 -9.82 -27.45 5.19
C PHE A 314 -8.96 -26.84 4.10
N TYR A 315 -8.73 -25.54 4.17
CA TYR A 315 -7.96 -24.85 3.16
C TYR A 315 -6.56 -24.54 3.68
N PRO A 316 -5.54 -24.60 2.83
CA PRO A 316 -4.16 -24.44 3.33
C PRO A 316 -3.77 -22.99 3.53
N TRP A 317 -4.44 -22.07 2.84
CA TRP A 317 -4.12 -20.66 3.00
C TRP A 317 -4.44 -20.13 4.39
N PHE A 318 -5.32 -20.80 5.13
CA PHE A 318 -5.64 -20.39 6.49
C PHE A 318 -4.70 -21.05 7.50
N ARG A 319 -4.43 -22.34 7.35
CA ARG A 319 -3.47 -23.01 8.23
C ARG A 319 -2.09 -22.40 8.10
N LYS A 320 -1.68 -22.06 6.88
CA LYS A 320 -0.37 -21.44 6.69
C LYS A 320 -0.27 -20.11 7.42
N ALA A 321 -1.32 -19.28 7.31
CA ALA A 321 -1.31 -17.98 7.99
C ALA A 321 -1.41 -18.12 9.50
N ILE A 322 -2.06 -19.17 10.00
CA ILE A 322 -2.20 -19.35 11.44
C ILE A 322 -1.02 -20.08 12.06
N LYS A 323 -0.21 -20.77 11.26
CA LYS A 323 0.95 -21.49 11.77
C LYS A 323 2.11 -20.56 12.10
N LEU A 324 2.00 -19.28 11.77
CA LEU A 324 3.05 -18.30 12.07
C LEU A 324 2.91 -17.72 13.47
N ILE A 325 2.24 -18.43 14.38
CA ILE A 325 2.11 -17.95 15.75
C ILE A 325 3.47 -17.88 16.42
N VAL A 326 4.27 -18.93 16.29
CA VAL A 326 5.60 -18.98 16.89
C VAL A 326 6.62 -19.44 15.86
N LEU B 15 46.10 -4.26 -29.62
CA LEU B 15 45.23 -4.65 -28.52
C LEU B 15 45.84 -5.81 -27.73
N ASP B 16 46.52 -6.70 -28.43
CA ASP B 16 47.15 -7.85 -27.78
C ASP B 16 48.28 -7.46 -26.85
N GLN B 17 48.82 -6.25 -26.98
CA GLN B 17 49.90 -5.76 -26.12
C GLN B 17 49.39 -5.10 -24.85
N LEU B 18 48.07 -5.04 -24.66
CA LEU B 18 47.48 -4.35 -23.52
C LEU B 18 47.05 -5.29 -22.40
N ARG B 19 46.43 -6.42 -22.72
CA ARG B 19 45.93 -7.32 -21.69
C ARG B 19 47.07 -7.92 -20.88
N GLN B 20 48.20 -8.19 -21.53
CA GLN B 20 49.33 -8.82 -20.83
C GLN B 20 49.82 -7.94 -19.69
N GLU B 21 49.94 -6.63 -19.92
CA GLU B 21 50.37 -5.72 -18.86
C GLU B 21 49.23 -5.30 -17.96
N ALA B 22 47.98 -5.32 -18.44
CA ALA B 22 46.84 -5.03 -17.58
C ALA B 22 46.70 -6.09 -16.50
N GLU B 23 46.91 -7.35 -16.85
CA GLU B 23 46.88 -8.42 -15.85
C GLU B 23 47.98 -8.23 -14.81
N GLN B 24 49.18 -7.83 -15.26
CA GLN B 24 50.29 -7.61 -14.34
C GLN B 24 49.98 -6.43 -13.40
N LEU B 25 49.42 -5.36 -13.93
CA LEU B 25 49.07 -4.24 -13.09
C LEU B 25 48.03 -4.67 -12.08
N LYS B 26 47.00 -5.35 -12.56
CA LYS B 26 45.91 -5.78 -11.68
C LYS B 26 46.43 -6.65 -10.54
N ASN B 27 47.30 -7.61 -10.85
CA ASN B 27 47.76 -8.48 -9.76
C ASN B 27 48.82 -7.81 -8.90
N GLN B 28 49.40 -6.73 -9.39
CA GLN B 28 50.31 -5.96 -8.56
C GLN B 28 49.39 -5.31 -7.55
N ILE B 29 48.34 -4.65 -8.03
CA ILE B 29 47.37 -4.04 -7.12
C ILE B 29 46.92 -5.07 -6.09
N ARG B 30 46.65 -6.30 -6.54
CA ARG B 30 46.18 -7.33 -5.62
C ARG B 30 47.22 -7.65 -4.55
N ASP B 31 48.50 -7.78 -4.93
CA ASP B 31 49.51 -8.13 -3.94
C ASP B 31 49.79 -6.97 -3.00
N ALA B 32 49.76 -5.73 -3.51
CA ALA B 32 49.89 -4.58 -2.63
C ALA B 32 48.74 -4.52 -1.64
N ARG B 33 47.53 -4.83 -2.11
CA ARG B 33 46.36 -4.88 -1.23
C ARG B 33 46.55 -5.94 -0.15
N LYS B 34 47.06 -7.11 -0.53
CA LYS B 34 47.32 -8.16 0.45
C LYS B 34 48.36 -7.73 1.47
N ALA B 35 49.42 -7.07 1.02
CA ALA B 35 50.45 -6.60 1.94
C ALA B 35 49.91 -5.50 2.86
N CYS B 36 48.93 -4.73 2.39
CA CYS B 36 48.40 -3.64 3.21
C CYS B 36 47.74 -4.16 4.49
N ALA B 37 46.93 -5.22 4.37
CA ALA B 37 46.20 -5.74 5.51
C ALA B 37 47.08 -6.67 6.34
N ASP B 38 46.96 -6.56 7.67
CA ASP B 38 47.72 -7.40 8.58
C ASP B 38 46.91 -8.02 9.70
N ALA B 39 45.75 -7.49 10.06
CA ALA B 39 44.96 -8.07 11.15
C ALA B 39 43.48 -7.99 10.80
N THR B 40 42.76 -9.08 11.04
CA THR B 40 41.34 -9.11 10.79
C THR B 40 40.60 -8.26 11.82
N LEU B 41 39.60 -7.51 11.36
CA LEU B 41 38.82 -6.67 12.26
C LEU B 41 38.07 -7.50 13.29
N SER B 42 37.72 -8.75 12.94
CA SER B 42 37.13 -9.65 13.92
C SER B 42 38.09 -9.91 15.07
N GLN B 43 39.39 -10.05 14.76
CA GLN B 43 40.38 -10.22 15.82
C GLN B 43 40.58 -8.95 16.62
N ILE B 44 40.48 -7.79 15.98
CA ILE B 44 40.67 -6.52 16.70
C ILE B 44 39.54 -6.31 17.69
N THR B 45 38.29 -6.48 17.25
CA THR B 45 37.13 -6.36 18.12
C THR B 45 36.68 -7.74 18.58
N ASN B 46 37.55 -8.40 19.35
CA ASN B 46 37.33 -9.78 19.75
C ASN B 46 36.67 -9.91 21.12
N ASN B 47 36.94 -8.98 22.04
CA ASN B 47 36.43 -9.13 23.40
C ASN B 47 35.98 -7.79 23.99
N ILE B 48 35.48 -6.87 23.16
CA ILE B 48 35.20 -5.53 23.65
C ILE B 48 33.83 -5.49 24.34
N ASP B 49 32.77 -5.90 23.65
CA ASP B 49 31.44 -5.92 24.23
C ASP B 49 30.45 -6.61 23.30
N PRO B 50 29.61 -7.51 23.82
CA PRO B 50 28.49 -8.00 23.03
C PRO B 50 27.28 -7.09 23.19
N VAL B 51 26.57 -6.85 22.07
CA VAL B 51 25.38 -6.01 22.15
C VAL B 51 24.22 -6.73 22.82
N GLY B 52 24.28 -8.06 22.89
CA GLY B 52 23.23 -8.82 23.53
C GLY B 52 21.98 -8.93 22.67
N ARG B 53 20.98 -9.62 23.21
CA ARG B 53 19.72 -9.74 22.52
C ARG B 53 19.02 -8.39 22.45
N ILE B 54 18.39 -8.12 21.31
CA ILE B 54 17.71 -6.85 21.06
C ILE B 54 16.27 -7.15 20.68
N GLN B 55 15.33 -6.57 21.43
CA GLN B 55 13.90 -6.79 21.24
C GLN B 55 13.28 -5.50 20.72
N MET B 56 12.77 -5.55 19.49
CA MET B 56 12.10 -4.42 18.88
C MET B 56 10.73 -4.87 18.40
N ARG B 57 9.73 -4.02 18.59
CA ARG B 57 8.36 -4.36 18.27
C ARG B 57 7.71 -3.20 17.51
N THR B 58 6.66 -3.53 16.78
CA THR B 58 5.93 -2.53 16.02
C THR B 58 5.31 -1.50 16.94
N ARG B 59 5.31 -0.24 16.50
CA ARG B 59 4.61 0.83 17.18
C ARG B 59 3.45 1.36 16.37
N ARG B 60 3.66 1.59 15.08
CA ARG B 60 2.59 1.93 14.16
C ARG B 60 2.65 1.00 12.96
N THR B 61 1.51 0.88 12.29
CA THR B 61 1.44 0.10 11.07
C THR B 61 0.73 1.04 10.12
N LEU B 62 1.23 1.19 8.91
CA LEU B 62 0.70 2.15 7.96
C LEU B 62 0.07 1.41 6.79
N ARG B 63 -1.26 1.46 6.72
CA ARG B 63 -2.01 0.81 5.67
C ARG B 63 -2.46 1.87 4.65
N GLY B 64 -3.00 1.42 3.52
CA GLY B 64 -3.48 2.33 2.51
C GLY B 64 -2.78 2.25 1.17
N HIS B 65 -1.82 1.36 1.00
CA HIS B 65 -1.19 1.15 -0.30
C HIS B 65 -1.85 -0.03 -1.00
N LEU B 66 -2.23 0.18 -2.25
CA LEU B 66 -2.93 -0.85 -3.02
C LEU B 66 -1.99 -1.98 -3.44
N ALA B 67 -0.97 -1.67 -4.22
CA ALA B 67 0.00 -2.65 -4.68
C ALA B 67 1.16 -2.71 -3.71
N LYS B 68 2.20 -3.47 -4.05
CA LYS B 68 3.38 -3.55 -3.21
C LYS B 68 4.21 -2.29 -3.33
N ILE B 69 5.12 -2.10 -2.37
CA ILE B 69 5.94 -0.90 -2.28
C ILE B 69 7.40 -1.27 -2.48
N TYR B 70 8.12 -0.43 -3.22
CA TYR B 70 9.54 -0.67 -3.49
C TYR B 70 10.47 0.13 -2.59
N ALA B 71 10.25 1.43 -2.43
CA ALA B 71 11.21 2.26 -1.71
C ALA B 71 10.49 3.23 -0.79
N MET B 72 11.22 3.69 0.22
CA MET B 72 10.70 4.69 1.16
C MET B 72 11.91 5.45 1.70
N HIS B 73 11.73 6.73 2.05
CA HIS B 73 12.83 7.57 2.53
C HIS B 73 12.37 8.41 3.71
N TRP B 74 13.15 8.39 4.78
CA TRP B 74 12.87 9.21 5.95
C TRP B 74 13.16 10.68 5.67
N GLY B 75 12.35 11.56 6.25
CA GLY B 75 12.66 12.97 6.23
C GLY B 75 13.72 13.32 7.25
N THR B 76 14.25 14.54 7.12
CA THR B 76 15.28 14.99 8.06
C THR B 76 14.71 15.35 9.42
N ASP B 77 13.45 15.78 9.47
CA ASP B 77 12.82 16.12 10.74
C ASP B 77 12.55 14.89 11.60
N SER B 78 12.74 13.69 11.05
CA SER B 78 12.59 12.41 11.75
C SER B 78 11.15 12.09 12.09
N ARG B 79 10.18 12.80 11.51
CA ARG B 79 8.78 12.52 11.73
C ARG B 79 8.00 12.20 10.47
N LEU B 80 8.49 12.60 9.30
CA LEU B 80 7.80 12.32 8.04
C LEU B 80 8.59 11.29 7.23
N LEU B 81 7.86 10.54 6.42
CA LEU B 81 8.47 9.60 5.48
C LEU B 81 7.56 9.49 4.26
N VAL B 82 8.18 9.17 3.13
CA VAL B 82 7.48 9.04 1.85
C VAL B 82 7.75 7.64 1.30
N SER B 83 6.72 7.02 0.74
CA SER B 83 6.84 5.69 0.17
C SER B 83 6.16 5.63 -1.20
N ALA B 84 6.71 4.79 -2.07
CA ALA B 84 6.23 4.63 -3.44
C ALA B 84 5.76 3.19 -3.66
N SER B 85 4.71 3.03 -4.45
CA SER B 85 4.09 1.73 -4.65
C SER B 85 3.94 1.43 -6.13
N GLN B 86 3.76 0.14 -6.44
CA GLN B 86 3.62 -0.33 -7.80
C GLN B 86 2.31 0.07 -8.46
N ASP B 87 1.36 0.62 -7.71
CA ASP B 87 0.14 1.11 -8.32
C ASP B 87 0.25 2.57 -8.75
N GLY B 88 1.43 3.17 -8.61
CA GLY B 88 1.62 4.53 -9.03
C GLY B 88 1.16 5.54 -8.00
N LYS B 89 1.60 5.38 -6.76
CA LYS B 89 1.20 6.28 -5.68
C LYS B 89 2.40 6.64 -4.83
N LEU B 90 2.53 7.93 -4.54
CA LEU B 90 3.47 8.43 -3.54
C LEU B 90 2.65 8.93 -2.35
N ILE B 91 2.96 8.41 -1.17
CA ILE B 91 2.24 8.77 0.04
C ILE B 91 3.26 9.27 1.06
N ILE B 92 2.98 10.43 1.64
CA ILE B 92 3.81 11.02 2.69
C ILE B 92 3.06 10.86 4.01
N TRP B 93 3.72 10.24 4.98
CA TRP B 93 3.10 9.88 6.25
C TRP B 93 3.53 10.84 7.35
N ASP B 94 2.69 10.91 8.38
CA ASP B 94 3.04 11.51 9.66
C ASP B 94 3.30 10.34 10.59
N SER B 95 4.58 10.03 10.81
CA SER B 95 4.92 8.80 11.52
C SER B 95 4.53 8.83 12.99
N TYR B 96 4.15 9.99 13.53
CA TYR B 96 3.69 10.09 14.91
C TYR B 96 2.21 9.75 15.03
N THR B 97 1.36 10.51 14.33
CA THR B 97 -0.07 10.35 14.43
C THR B 97 -0.66 9.45 13.34
N THR B 98 0.19 8.86 12.49
CA THR B 98 -0.21 7.91 11.44
C THR B 98 -1.04 8.59 10.35
N ASN B 99 -1.31 9.88 10.46
CA ASN B 99 -2.10 10.57 9.45
C ASN B 99 -1.38 10.55 8.10
N LYS B 100 -2.17 10.68 7.04
CA LYS B 100 -1.64 10.74 5.68
C LYS B 100 -1.55 12.21 5.29
N VAL B 101 -0.34 12.75 5.32
CA VAL B 101 -0.14 14.16 5.00
C VAL B 101 -0.42 14.42 3.52
N HIS B 102 0.12 13.59 2.64
CA HIS B 102 0.03 13.79 1.20
C HIS B 102 -0.10 12.45 0.51
N ALA B 103 -0.85 12.43 -0.60
CA ALA B 103 -0.91 11.28 -1.49
C ALA B 103 -0.83 11.79 -2.92
N ILE B 104 0.19 11.37 -3.65
CA ILE B 104 0.50 11.91 -4.97
C ILE B 104 0.30 10.80 -6.00
N PRO B 105 -0.48 11.03 -7.06
CA PRO B 105 -0.58 10.04 -8.13
C PRO B 105 0.50 10.20 -9.18
N LEU B 106 1.19 9.11 -9.50
CA LEU B 106 2.30 9.16 -10.44
C LEU B 106 1.81 8.97 -11.88
N ARG B 107 2.60 9.50 -12.81
CA ARG B 107 2.28 9.35 -14.24
C ARG B 107 2.64 7.97 -14.76
N SER B 108 3.71 7.36 -14.23
CA SER B 108 4.12 6.02 -14.62
C SER B 108 3.91 5.06 -13.44
N SER B 109 3.19 3.98 -13.69
CA SER B 109 2.83 3.06 -12.63
C SER B 109 4.00 2.25 -12.10
N TRP B 110 5.11 2.21 -12.81
CA TRP B 110 6.25 1.37 -12.44
C TRP B 110 7.37 2.27 -11.93
N VAL B 111 7.53 2.33 -10.61
CA VAL B 111 8.54 3.14 -9.96
C VAL B 111 9.33 2.27 -9.00
N MET B 112 10.63 2.49 -8.95
CA MET B 112 11.51 1.68 -8.13
C MET B 112 12.24 2.46 -7.04
N THR B 113 12.07 3.77 -6.99
CA THR B 113 12.80 4.56 -6.00
C THR B 113 12.09 5.88 -5.73
N CYS B 114 12.34 6.42 -4.54
CA CYS B 114 11.83 7.73 -4.13
C CYS B 114 12.82 8.34 -3.16
N ALA B 115 12.94 9.66 -3.19
CA ALA B 115 13.88 10.38 -2.35
C ALA B 115 13.19 11.60 -1.74
N TYR B 116 13.58 11.90 -0.50
CA TYR B 116 13.05 13.08 0.17
C TYR B 116 14.18 14.08 0.33
N ALA B 117 13.93 15.32 -0.03
CA ALA B 117 14.95 16.36 0.02
C ALA B 117 15.34 16.65 1.46
N PRO B 118 16.61 16.93 1.73
CA PRO B 118 17.00 17.33 3.11
C PRO B 118 16.32 18.60 3.56
N SER B 119 16.05 19.53 2.64
CA SER B 119 15.31 20.74 2.98
C SER B 119 13.84 20.48 3.23
N GLY B 120 13.35 19.30 2.89
CA GLY B 120 11.99 18.90 3.24
C GLY B 120 10.91 19.44 2.34
N ASN B 121 11.24 20.09 1.23
CA ASN B 121 10.23 20.66 0.34
C ASN B 121 10.31 20.09 -1.06
N TYR B 122 10.98 18.96 -1.25
CA TYR B 122 11.07 18.31 -2.55
C TYR B 122 11.07 16.80 -2.38
N VAL B 123 10.34 16.12 -3.25
CA VAL B 123 10.34 14.66 -3.30
C VAL B 123 10.50 14.25 -4.75
N ALA B 124 11.25 13.17 -4.98
CA ALA B 124 11.57 12.71 -6.32
C ALA B 124 11.27 11.23 -6.45
N CYS B 125 10.86 10.83 -7.65
CA CYS B 125 10.56 9.43 -7.94
C CYS B 125 10.89 9.13 -9.40
N GLY B 126 11.14 7.85 -9.68
CA GLY B 126 11.45 7.44 -11.03
C GLY B 126 11.57 5.94 -11.15
N GLY B 127 11.10 5.38 -12.27
CA GLY B 127 11.18 3.95 -12.46
C GLY B 127 11.48 3.52 -13.89
N LEU B 128 10.65 2.63 -14.42
CA LEU B 128 10.85 2.02 -15.72
C LEU B 128 10.59 2.96 -16.87
N ASP B 129 10.29 4.23 -16.61
CA ASP B 129 10.07 5.21 -17.67
C ASP B 129 11.33 6.01 -18.00
N ASN B 130 12.46 5.69 -17.37
CA ASN B 130 13.74 6.36 -17.63
C ASN B 130 13.65 7.86 -17.35
N ILE B 131 12.81 8.24 -16.40
CA ILE B 131 12.57 9.65 -16.09
C ILE B 131 12.55 9.82 -14.58
N CYS B 132 13.28 10.81 -14.09
CA CYS B 132 13.24 11.20 -12.68
C CYS B 132 12.43 12.47 -12.55
N SER B 133 11.29 12.39 -11.87
CA SER B 133 10.39 13.51 -11.70
C SER B 133 10.59 14.17 -10.34
N ILE B 134 10.38 15.48 -10.30
CA ILE B 134 10.59 16.27 -9.09
C ILE B 134 9.27 16.92 -8.71
N TYR B 135 8.86 16.73 -7.46
CA TYR B 135 7.64 17.30 -6.91
C TYR B 135 8.00 18.26 -5.78
N ASN B 136 7.42 19.45 -5.81
CA ASN B 136 7.60 20.41 -4.72
C ASN B 136 6.37 20.36 -3.83
N LEU B 137 6.58 20.04 -2.55
CA LEU B 137 5.48 19.86 -1.62
C LEU B 137 4.86 21.19 -1.19
N LYS B 138 5.73 22.16 -0.92
CA LYS B 138 5.27 23.46 -0.48
C LYS B 138 5.14 24.43 -1.62
N THR B 139 3.91 24.85 -1.91
CA THR B 139 3.67 25.82 -2.96
C THR B 139 2.46 26.65 -2.61
N ARG B 140 2.32 27.79 -3.29
CA ARG B 140 1.24 28.72 -2.97
C ARG B 140 -0.12 28.08 -3.19
N GLU B 141 -0.29 27.35 -4.29
CA GLU B 141 -1.51 26.59 -4.49
C GLU B 141 -1.50 25.35 -3.60
N GLY B 142 -2.68 24.80 -3.38
CA GLY B 142 -2.79 23.67 -2.48
C GLY B 142 -2.71 22.31 -3.13
N ASN B 143 -1.63 22.04 -3.87
CA ASN B 143 -1.46 20.73 -4.48
C ASN B 143 0.01 20.47 -4.72
N VAL B 144 0.38 19.20 -4.78
CA VAL B 144 1.73 18.78 -5.10
C VAL B 144 1.80 18.50 -6.59
N ARG B 145 2.73 19.15 -7.28
CA ARG B 145 2.82 19.07 -8.73
C ARG B 145 4.27 18.86 -9.16
N VAL B 146 4.44 18.56 -10.44
CA VAL B 146 5.76 18.32 -11.02
C VAL B 146 6.45 19.65 -11.27
N SER B 147 7.75 19.69 -11.01
CA SER B 147 8.57 20.86 -11.29
C SER B 147 9.54 20.62 -12.44
N ARG B 148 10.25 19.51 -12.42
CA ARG B 148 11.21 19.17 -13.47
C ARG B 148 11.17 17.68 -13.73
N GLU B 149 11.31 17.29 -14.99
CA GLU B 149 11.33 15.89 -15.42
C GLU B 149 12.65 15.63 -16.12
N LEU B 150 13.59 14.99 -15.41
CA LEU B 150 14.92 14.74 -15.94
C LEU B 150 14.89 13.49 -16.81
N ALA B 151 15.05 13.66 -18.12
CA ALA B 151 14.97 12.58 -19.09
C ALA B 151 16.25 12.55 -19.91
N GLY B 152 17.23 11.76 -19.46
CA GLY B 152 18.48 11.62 -20.18
C GLY B 152 19.09 10.24 -20.13
N HIS B 153 18.43 9.30 -19.47
CA HIS B 153 18.93 7.95 -19.33
C HIS B 153 18.30 7.03 -20.37
N THR B 154 18.94 5.88 -20.59
CA THR B 154 18.45 4.87 -21.51
C THR B 154 18.27 3.54 -20.78
N GLY B 155 18.01 3.61 -19.48
CA GLY B 155 17.76 2.44 -18.66
C GLY B 155 16.96 2.83 -17.45
N TYR B 156 16.26 1.85 -16.89
CA TYR B 156 15.39 2.10 -15.75
C TYR B 156 16.19 2.69 -14.59
N LEU B 157 15.58 3.64 -13.89
CA LEU B 157 16.22 4.30 -12.76
C LEU B 157 16.18 3.37 -11.54
N SER B 158 17.35 3.09 -10.98
CA SER B 158 17.44 2.17 -9.85
C SER B 158 17.45 2.87 -8.50
N CYS B 159 17.94 4.10 -8.44
CA CYS B 159 17.99 4.84 -7.17
C CYS B 159 18.23 6.30 -7.48
N CYS B 160 17.99 7.14 -6.47
CA CYS B 160 18.25 8.57 -6.58
C CYS B 160 18.38 9.15 -5.19
N ARG B 161 19.23 10.16 -5.05
CA ARG B 161 19.48 10.81 -3.77
C ARG B 161 19.67 12.30 -3.99
N PHE B 162 19.00 13.11 -3.17
CA PHE B 162 19.14 14.55 -3.26
C PHE B 162 20.47 15.00 -2.68
N LEU B 163 21.12 15.94 -3.36
CA LEU B 163 22.31 16.61 -2.85
C LEU B 163 21.94 17.91 -2.14
N ASP B 164 21.15 18.75 -2.79
CA ASP B 164 20.61 19.96 -2.21
C ASP B 164 19.28 20.24 -2.90
N ASP B 165 18.78 21.47 -2.78
CA ASP B 165 17.51 21.81 -3.41
C ASP B 165 17.55 21.77 -4.92
N ASN B 166 18.74 21.74 -5.54
CA ASN B 166 18.79 21.72 -7.01
C ASN B 166 19.87 20.80 -7.56
N GLN B 167 20.38 19.85 -6.76
CA GLN B 167 21.35 18.88 -7.24
C GLN B 167 20.91 17.49 -6.82
N ILE B 168 21.00 16.53 -7.74
CA ILE B 168 20.55 15.16 -7.50
C ILE B 168 21.42 14.21 -8.31
N VAL B 169 21.67 13.02 -7.76
CA VAL B 169 22.44 11.99 -8.45
C VAL B 169 21.54 10.77 -8.63
N THR B 170 21.49 10.27 -9.86
CA THR B 170 20.61 9.16 -10.23
C THR B 170 21.43 7.98 -10.73
N SER B 171 20.92 6.79 -10.47
CA SER B 171 21.51 5.54 -10.93
C SER B 171 20.51 4.83 -11.83
N SER B 172 20.99 4.33 -12.97
CA SER B 172 20.10 3.81 -14.00
C SER B 172 20.41 2.36 -14.33
N GLY B 173 19.43 1.68 -14.92
CA GLY B 173 19.71 0.36 -15.48
C GLY B 173 20.75 0.44 -16.58
N ASP B 174 20.68 1.49 -17.39
CA ASP B 174 21.82 1.89 -18.21
C ASP B 174 23.02 2.13 -17.31
N THR B 175 24.19 1.67 -17.75
CA THR B 175 25.35 1.57 -16.87
C THR B 175 25.75 2.91 -16.24
N THR B 176 25.42 4.02 -16.87
CA THR B 176 25.91 5.32 -16.43
C THR B 176 25.15 5.84 -15.20
N CYS B 177 25.90 6.44 -14.27
CA CYS B 177 25.34 7.26 -13.21
C CYS B 177 25.56 8.72 -13.57
N ALA B 178 24.54 9.55 -13.35
CA ALA B 178 24.57 10.93 -13.83
C ALA B 178 24.22 11.90 -12.71
N LEU B 179 25.04 12.92 -12.54
CA LEU B 179 24.69 14.06 -11.70
C LEU B 179 23.90 15.08 -12.52
N TRP B 180 22.85 15.60 -11.93
CA TRP B 180 21.90 16.43 -12.66
C TRP B 180 21.92 17.86 -12.11
N ASP B 181 21.04 18.69 -12.66
CA ASP B 181 20.90 20.08 -12.24
C ASP B 181 19.44 20.46 -12.48
N ILE B 182 18.67 20.58 -11.40
CA ILE B 182 17.23 20.70 -11.53
C ILE B 182 16.84 21.96 -12.27
N GLU B 183 17.57 23.06 -12.05
CA GLU B 183 17.21 24.33 -12.65
C GLU B 183 17.32 24.29 -14.17
N THR B 184 18.45 23.81 -14.68
CA THR B 184 18.67 23.76 -16.13
C THR B 184 18.08 22.51 -16.76
N GLY B 185 17.86 21.46 -15.99
CA GLY B 185 17.34 20.21 -16.53
C GLY B 185 18.30 19.51 -17.47
N GLN B 186 19.59 19.55 -17.18
CA GLN B 186 20.60 18.88 -17.98
C GLN B 186 21.61 18.24 -17.05
N GLN B 187 22.06 17.03 -17.42
CA GLN B 187 23.03 16.33 -16.59
C GLN B 187 24.39 17.01 -16.70
N THR B 188 24.90 17.47 -15.57
CA THR B 188 26.20 18.14 -15.57
C THR B 188 27.34 17.14 -15.76
N THR B 189 27.29 16.01 -15.06
CA THR B 189 28.37 15.06 -15.05
C THR B 189 27.83 13.65 -15.21
N THR B 190 28.53 12.81 -15.96
CA THR B 190 28.16 11.43 -16.18
C THR B 190 29.28 10.53 -15.67
N PHE B 191 28.91 9.50 -14.90
CA PHE B 191 29.87 8.57 -14.31
C PHE B 191 29.70 7.23 -15.03
N THR B 192 30.70 6.85 -15.83
CA THR B 192 30.66 5.66 -16.66
C THR B 192 31.88 4.80 -16.35
N GLY B 193 31.75 3.90 -15.38
CA GLY B 193 32.85 3.02 -15.04
C GLY B 193 32.48 1.56 -14.88
N HIS B 194 31.18 1.27 -14.80
CA HIS B 194 30.73 -0.08 -14.53
C HIS B 194 30.56 -0.87 -15.83
N THR B 195 30.27 -2.16 -15.69
CA THR B 195 30.08 -3.06 -16.81
C THR B 195 28.68 -3.64 -16.88
N GLY B 196 27.79 -3.27 -15.97
CA GLY B 196 26.44 -3.80 -15.96
C GLY B 196 25.40 -2.75 -15.64
N ASP B 197 24.48 -3.07 -14.73
CA ASP B 197 23.44 -2.15 -14.30
C ASP B 197 23.67 -1.78 -12.84
N VAL B 198 23.79 -0.47 -12.58
CA VAL B 198 23.97 0.01 -11.22
C VAL B 198 22.64 -0.06 -10.50
N MET B 199 22.65 -0.63 -9.31
CA MET B 199 21.43 -0.94 -8.57
C MET B 199 21.14 0.04 -7.44
N SER B 200 22.17 0.47 -6.70
CA SER B 200 21.98 1.37 -5.57
C SER B 200 23.14 2.35 -5.53
N LEU B 201 22.91 3.48 -4.84
CA LEU B 201 23.97 4.46 -4.59
C LEU B 201 23.70 5.15 -3.26
N SER B 202 24.75 5.32 -2.47
CA SER B 202 24.66 5.91 -1.15
C SER B 202 25.54 7.15 -1.07
N LEU B 203 24.96 8.27 -0.65
CA LEU B 203 25.68 9.52 -0.56
C LEU B 203 26.53 9.57 0.71
N ALA B 204 27.58 10.37 0.65
CA ALA B 204 28.41 10.59 1.82
C ALA B 204 27.76 11.62 2.74
N PRO B 205 28.07 11.58 4.04
CA PRO B 205 27.54 12.60 4.95
C PRO B 205 27.93 14.01 4.56
N ASP B 206 29.12 14.21 3.99
CA ASP B 206 29.56 15.53 3.55
C ASP B 206 29.19 15.83 2.11
N THR B 207 28.50 14.90 1.43
CA THR B 207 28.05 15.10 0.05
C THR B 207 29.20 15.43 -0.89
N ARG B 208 30.31 14.70 -0.74
CA ARG B 208 31.48 14.91 -1.58
C ARG B 208 31.99 13.65 -2.26
N LEU B 209 31.56 12.46 -1.85
CA LEU B 209 32.05 11.23 -2.47
C LEU B 209 31.04 10.12 -2.20
N PHE B 210 30.29 9.71 -3.22
CA PHE B 210 29.29 8.66 -3.07
C PHE B 210 29.79 7.35 -3.65
N VAL B 211 29.16 6.26 -3.21
CA VAL B 211 29.50 4.90 -3.64
C VAL B 211 28.27 4.29 -4.28
N SER B 212 28.50 3.54 -5.37
CA SER B 212 27.42 2.89 -6.10
C SER B 212 27.77 1.43 -6.36
N GLY B 213 26.76 0.56 -6.26
CA GLY B 213 26.92 -0.85 -6.50
C GLY B 213 26.16 -1.26 -7.76
N ALA B 214 26.72 -2.23 -8.49
CA ALA B 214 26.13 -2.66 -9.75
C ALA B 214 25.97 -4.16 -9.82
N CYS B 215 25.56 -4.67 -10.97
CA CYS B 215 25.29 -6.09 -11.16
C CYS B 215 26.54 -6.90 -11.44
N ASP B 216 27.70 -6.25 -11.43
CA ASP B 216 28.98 -6.93 -11.69
C ASP B 216 29.74 -7.24 -10.41
N ALA B 217 29.04 -7.29 -9.29
CA ALA B 217 29.62 -7.60 -7.99
C ALA B 217 30.76 -6.65 -7.62
N SER B 218 30.72 -5.42 -8.14
CA SER B 218 31.76 -4.44 -7.90
C SER B 218 31.15 -3.14 -7.41
N ALA B 219 31.83 -2.51 -6.45
CA ALA B 219 31.41 -1.22 -5.91
C ALA B 219 32.50 -0.18 -6.17
N LYS B 220 32.07 1.02 -6.52
CA LYS B 220 32.99 2.08 -6.92
C LYS B 220 32.72 3.34 -6.12
N LEU B 221 33.78 3.96 -5.60
CA LEU B 221 33.69 5.25 -4.94
C LEU B 221 34.02 6.34 -5.94
N TRP B 222 33.17 7.35 -6.01
CA TRP B 222 33.28 8.40 -7.01
C TRP B 222 33.58 9.74 -6.36
N ASP B 223 33.86 10.72 -7.20
CA ASP B 223 34.07 12.11 -6.79
C ASP B 223 33.01 12.97 -7.45
N VAL B 224 32.29 13.73 -6.66
CA VAL B 224 31.19 14.52 -7.20
C VAL B 224 31.69 15.69 -8.03
N ARG B 225 32.81 16.31 -7.64
CA ARG B 225 33.28 17.52 -8.31
C ARG B 225 33.62 17.26 -9.76
N GLU B 226 34.29 16.15 -10.05
CA GLU B 226 34.64 15.73 -11.40
C GLU B 226 33.84 14.48 -11.76
N GLY B 227 34.18 13.88 -12.89
CA GLY B 227 33.54 12.64 -13.29
C GLY B 227 34.48 11.46 -13.22
N MET B 228 35.30 11.41 -12.18
CA MET B 228 36.36 10.41 -12.07
C MET B 228 35.98 9.37 -11.03
N CYS B 229 36.06 8.10 -11.41
CA CYS B 229 35.88 7.00 -10.47
C CYS B 229 37.14 6.86 -9.63
N ARG B 230 37.04 7.16 -8.34
CA ARG B 230 38.23 7.21 -7.49
C ARG B 230 38.73 5.82 -7.13
N GLN B 231 37.82 4.87 -6.90
CA GLN B 231 38.24 3.58 -6.35
C GLN B 231 37.21 2.53 -6.73
N THR B 232 37.62 1.27 -6.62
CA THR B 232 36.77 0.14 -6.97
C THR B 232 36.99 -1.01 -6.00
N PHE B 233 35.89 -1.60 -5.53
CA PHE B 233 35.91 -2.72 -4.59
C PHE B 233 35.17 -3.89 -5.21
N THR B 234 35.79 -5.08 -5.18
CA THR B 234 35.19 -6.30 -5.72
C THR B 234 35.35 -7.39 -4.67
N GLY B 235 34.27 -7.73 -3.98
CA GLY B 235 34.33 -8.78 -2.97
C GLY B 235 33.27 -9.84 -3.11
N HIS B 236 32.17 -9.52 -3.81
CA HIS B 236 31.06 -10.45 -3.95
C HIS B 236 31.16 -11.20 -5.27
N GLU B 237 30.27 -12.17 -5.46
CA GLU B 237 30.19 -12.91 -6.71
C GLU B 237 28.89 -12.72 -7.47
N SER B 238 27.85 -12.23 -6.80
CA SER B 238 26.57 -11.99 -7.44
C SER B 238 26.27 -10.50 -7.53
N ASP B 239 25.12 -10.15 -8.08
CA ASP B 239 24.78 -8.75 -8.25
C ASP B 239 24.67 -8.04 -6.91
N ILE B 240 25.16 -6.81 -6.86
CA ILE B 240 25.06 -5.97 -5.67
C ILE B 240 23.68 -5.33 -5.65
N ASN B 241 22.91 -5.60 -4.59
CA ASN B 241 21.52 -5.20 -4.54
C ASN B 241 21.26 -3.97 -3.69
N ALA B 242 22.04 -3.76 -2.63
CA ALA B 242 21.87 -2.60 -1.78
C ALA B 242 23.20 -2.19 -1.19
N ILE B 243 23.43 -0.89 -1.10
CA ILE B 243 24.66 -0.32 -0.57
C ILE B 243 24.31 0.76 0.44
N CYS B 244 25.10 0.84 1.51
CA CYS B 244 24.86 1.85 2.53
C CYS B 244 26.19 2.42 3.01
N PHE B 245 26.17 3.64 3.52
CA PHE B 245 27.40 4.29 3.96
C PHE B 245 27.46 4.47 5.46
N PHE B 246 28.59 4.10 6.07
CA PHE B 246 28.74 4.22 7.51
C PHE B 246 28.67 5.69 7.94
N PRO B 247 28.04 5.95 9.10
CA PRO B 247 27.87 7.34 9.55
C PRO B 247 29.16 8.12 9.64
N ASN B 248 30.29 7.44 9.88
CA ASN B 248 31.57 8.11 9.94
C ASN B 248 32.00 8.66 8.59
N GLY B 249 31.52 8.09 7.49
CA GLY B 249 31.92 8.52 6.17
C GLY B 249 33.20 7.92 5.66
N ASN B 250 33.74 6.93 6.35
CA ASN B 250 35.03 6.33 5.95
C ASN B 250 34.90 4.84 5.67
N ALA B 251 33.67 4.33 5.67
CA ALA B 251 33.43 2.92 5.44
C ALA B 251 32.03 2.77 4.86
N PHE B 252 31.74 1.59 4.32
CA PHE B 252 30.42 1.33 3.78
C PHE B 252 30.18 -0.17 3.70
N ALA B 253 28.93 -0.56 3.83
CA ALA B 253 28.51 -1.95 3.77
C ALA B 253 27.54 -2.14 2.61
N THR B 254 27.54 -3.35 2.05
CA THR B 254 26.74 -3.64 0.88
C THR B 254 26.05 -4.98 1.04
N GLY B 255 24.97 -5.16 0.28
CA GLY B 255 24.23 -6.41 0.29
C GLY B 255 23.94 -6.94 -1.11
N SER B 256 24.28 -8.19 -1.35
CA SER B 256 24.19 -8.79 -2.67
C SER B 256 23.26 -10.00 -2.65
N ASP B 257 23.01 -10.55 -3.83
CA ASP B 257 22.08 -11.67 -3.98
C ASP B 257 22.77 -13.01 -3.78
N ASP B 258 23.46 -13.17 -2.64
CA ASP B 258 24.01 -14.45 -2.26
C ASP B 258 24.00 -14.62 -0.75
N ALA B 259 23.03 -14.01 -0.08
CA ALA B 259 22.89 -14.10 1.37
C ALA B 259 24.15 -13.65 2.09
N THR B 260 24.73 -12.55 1.62
CA THR B 260 26.00 -12.08 2.16
C THR B 260 26.02 -10.56 2.20
N CYS B 261 26.59 -10.03 3.29
CA CYS B 261 26.86 -8.61 3.44
C CYS B 261 28.30 -8.43 3.85
N ARG B 262 28.95 -7.40 3.30
CA ARG B 262 30.37 -7.17 3.51
C ARG B 262 30.60 -5.72 3.87
N LEU B 263 31.71 -5.48 4.58
CA LEU B 263 32.09 -4.14 5.02
C LEU B 263 33.42 -3.77 4.39
N PHE B 264 33.43 -2.66 3.65
CA PHE B 264 34.64 -2.16 3.00
C PHE B 264 35.00 -0.80 3.59
N ASP B 265 36.30 -0.55 3.73
CA ASP B 265 36.81 0.71 4.23
C ASP B 265 37.38 1.54 3.09
N LEU B 266 36.98 2.80 3.00
CA LEU B 266 37.45 3.67 1.93
C LEU B 266 38.92 4.03 2.05
N ARG B 267 39.54 3.73 3.19
CA ARG B 267 40.96 4.04 3.39
C ARG B 267 41.84 2.79 3.29
N ALA B 268 41.52 1.75 4.07
CA ALA B 268 42.29 0.52 4.01
C ALA B 268 42.06 -0.25 2.72
N ASP B 269 40.95 0.02 2.03
CA ASP B 269 40.67 -0.58 0.72
C ASP B 269 40.59 -2.10 0.80
N GLN B 270 40.04 -2.62 1.90
CA GLN B 270 39.96 -4.05 2.13
C GLN B 270 38.50 -4.45 2.30
N GLU B 271 38.29 -5.71 2.64
CA GLU B 271 37.01 -6.21 3.12
C GLU B 271 37.18 -6.60 4.58
N LEU B 272 36.40 -5.97 5.47
CA LEU B 272 36.62 -6.11 6.90
C LEU B 272 35.89 -7.32 7.48
N MET B 273 34.56 -7.35 7.36
CA MET B 273 33.77 -8.48 7.83
C MET B 273 32.85 -8.96 6.72
N THR B 274 32.41 -10.21 6.88
CA THR B 274 31.46 -10.86 5.98
C THR B 274 30.27 -11.30 6.83
N TYR B 275 29.15 -10.59 6.70
CA TYR B 275 27.95 -10.88 7.49
C TYR B 275 27.11 -11.90 6.74
N SER B 276 27.29 -13.18 7.07
CA SER B 276 26.53 -14.24 6.44
C SER B 276 26.36 -15.38 7.43
N HIS B 277 25.35 -16.20 7.18
CA HIS B 277 25.08 -17.37 8.01
C HIS B 277 24.71 -18.54 7.11
N ASP B 278 25.02 -19.75 7.55
CA ASP B 278 24.72 -20.93 6.77
C ASP B 278 23.22 -21.13 6.63
N ASN B 279 22.45 -20.49 7.50
CA ASN B 279 21.00 -20.71 7.49
C ASN B 279 20.26 -19.77 6.55
N ILE B 280 20.99 -18.92 5.84
CA ILE B 280 20.35 -17.96 4.95
C ILE B 280 20.50 -18.34 3.49
N ILE B 281 19.40 -18.35 2.76
CA ILE B 281 19.47 -18.67 1.34
C ILE B 281 19.02 -17.46 0.52
N CYS B 282 18.14 -16.65 1.09
CA CYS B 282 17.56 -15.53 0.37
C CYS B 282 18.63 -14.47 0.09
N GLY B 283 18.28 -13.48 -0.71
CA GLY B 283 19.19 -12.41 -1.10
C GLY B 283 18.77 -11.08 -0.50
N ILE B 284 19.76 -10.25 -0.16
CA ILE B 284 19.49 -8.98 0.50
C ILE B 284 18.72 -8.06 -0.44
N THR B 285 18.02 -7.10 0.15
CA THR B 285 17.26 -6.13 -0.64
C THR B 285 17.52 -4.71 -0.16
N SER B 286 17.88 -4.56 1.11
CA SER B 286 18.14 -3.24 1.67
C SER B 286 19.05 -3.39 2.88
N VAL B 287 19.97 -2.45 3.03
CA VAL B 287 20.93 -2.44 4.13
C VAL B 287 20.99 -1.03 4.70
N SER B 288 21.01 -0.92 6.03
CA SER B 288 21.11 0.38 6.68
C SER B 288 21.87 0.22 7.99
N PHE B 289 22.35 1.34 8.50
CA PHE B 289 23.15 1.40 9.73
C PHE B 289 22.38 2.11 10.83
N SER B 290 22.78 1.85 12.07
CA SER B 290 22.27 2.59 13.20
C SER B 290 22.96 3.95 13.30
N LYS B 291 22.42 4.82 14.15
CA LYS B 291 22.96 6.17 14.29
C LYS B 291 24.40 6.13 14.79
N SER B 292 24.69 5.26 15.75
CA SER B 292 26.05 5.10 16.23
C SER B 292 26.88 4.18 15.36
N GLY B 293 26.27 3.50 14.40
CA GLY B 293 26.97 2.52 13.59
C GLY B 293 27.20 1.19 14.27
N ARG B 294 26.65 0.99 15.47
CA ARG B 294 26.85 -0.27 16.18
C ARG B 294 26.00 -1.39 15.61
N LEU B 295 24.85 -1.07 15.03
CA LEU B 295 23.92 -2.08 14.53
C LEU B 295 23.77 -1.96 13.02
N LEU B 296 23.76 -3.10 12.35
CA LEU B 296 23.51 -3.18 10.92
C LEU B 296 22.19 -3.88 10.68
N LEU B 297 21.30 -3.21 9.95
CA LEU B 297 19.97 -3.73 9.65
C LEU B 297 19.90 -4.09 8.18
N ALA B 298 19.57 -5.36 7.89
CA ALA B 298 19.50 -5.86 6.53
C ALA B 298 18.15 -6.52 6.30
N GLY B 299 17.48 -6.16 5.22
CA GLY B 299 16.22 -6.77 4.85
C GLY B 299 16.43 -7.85 3.80
N TYR B 300 15.85 -9.01 4.05
CA TYR B 300 16.10 -10.19 3.23
C TYR B 300 14.86 -10.51 2.40
N ASP B 301 14.97 -11.57 1.60
CA ASP B 301 13.87 -12.03 0.76
C ASP B 301 13.10 -13.18 1.39
N ASP B 302 13.47 -13.62 2.60
CA ASP B 302 12.76 -14.69 3.29
C ASP B 302 11.73 -14.13 4.24
N PHE B 303 11.11 -13.01 3.87
CA PHE B 303 9.92 -12.40 4.42
C PHE B 303 10.21 -11.54 5.65
N ASN B 304 11.44 -11.53 6.16
CA ASN B 304 11.73 -10.82 7.40
C ASN B 304 13.11 -10.19 7.34
N CYS B 305 13.29 -9.12 8.12
CA CYS B 305 14.55 -8.41 8.19
C CYS B 305 15.48 -9.11 9.17
N ASN B 306 16.58 -8.44 9.52
CA ASN B 306 17.55 -8.99 10.46
C ASN B 306 18.30 -7.85 11.11
N VAL B 307 18.97 -8.16 12.22
CA VAL B 307 19.82 -7.21 12.94
C VAL B 307 21.19 -7.84 13.12
N TRP B 308 22.23 -7.11 12.74
CA TRP B 308 23.59 -7.59 12.80
C TRP B 308 24.43 -6.69 13.68
N ASP B 309 25.28 -7.32 14.50
CA ASP B 309 26.28 -6.59 15.27
C ASP B 309 27.42 -6.19 14.34
N ALA B 310 27.54 -4.89 14.07
CA ALA B 310 28.50 -4.41 13.08
C ALA B 310 29.95 -4.61 13.49
N LEU B 311 30.22 -4.92 14.76
CA LEU B 311 31.60 -5.10 15.21
C LEU B 311 31.93 -6.54 15.58
N LYS B 312 30.95 -7.38 15.85
CA LYS B 312 31.19 -8.79 16.17
C LYS B 312 30.71 -9.75 15.09
N ALA B 313 29.92 -9.26 14.13
CA ALA B 313 29.38 -10.08 13.04
C ALA B 313 28.56 -11.25 13.59
N ASP B 314 27.49 -10.91 14.30
CA ASP B 314 26.58 -11.89 14.88
C ASP B 314 25.15 -11.46 14.63
N ARG B 315 24.25 -12.44 14.61
CA ARG B 315 22.82 -12.17 14.51
C ARG B 315 22.28 -11.92 15.91
N ALA B 316 21.88 -10.69 16.19
CA ALA B 316 21.41 -10.28 17.50
C ALA B 316 20.07 -9.57 17.39
N GLY B 317 19.15 -10.15 16.63
CA GLY B 317 17.82 -9.58 16.50
C GLY B 317 17.18 -9.83 15.16
N VAL B 318 15.88 -10.12 15.18
CA VAL B 318 15.11 -10.40 13.97
C VAL B 318 13.84 -9.57 14.01
N LEU B 319 13.46 -9.00 12.88
CA LEU B 319 12.23 -8.22 12.76
C LEU B 319 11.20 -9.12 12.09
N ALA B 320 10.55 -9.95 12.90
CA ALA B 320 9.78 -11.08 12.36
C ALA B 320 8.57 -10.64 11.56
N GLY B 321 7.86 -9.62 12.03
CA GLY B 321 6.53 -9.39 11.50
C GLY B 321 6.45 -8.79 10.11
N HIS B 322 6.17 -9.64 9.12
CA HIS B 322 5.91 -9.21 7.74
C HIS B 322 5.40 -10.40 6.94
N ASP B 323 4.51 -10.16 5.99
CA ASP B 323 3.91 -11.24 5.23
C ASP B 323 4.70 -11.59 3.99
N ASN B 324 4.92 -10.63 3.10
CA ASN B 324 5.67 -10.83 1.87
C ASN B 324 7.12 -10.36 2.08
N ARG B 325 7.87 -10.29 0.97
CA ARG B 325 9.27 -9.94 1.03
C ARG B 325 9.48 -8.45 1.28
N VAL B 326 10.40 -8.13 2.18
CA VAL B 326 10.72 -6.73 2.47
C VAL B 326 11.48 -6.13 1.30
N SER B 327 11.23 -4.87 1.01
CA SER B 327 11.88 -4.22 -0.12
C SER B 327 12.71 -3.01 0.27
N CYS B 328 12.26 -2.21 1.23
CA CYS B 328 12.97 -1.01 1.64
C CYS B 328 13.09 -0.97 3.16
N LEU B 329 14.25 -0.49 3.61
CA LEU B 329 14.57 -0.40 5.03
C LEU B 329 15.30 0.91 5.27
N GLY B 330 15.11 1.48 6.46
CA GLY B 330 15.74 2.75 6.77
C GLY B 330 15.69 3.14 8.23
N VAL B 331 16.68 3.90 8.67
CA VAL B 331 16.78 4.36 10.05
C VAL B 331 16.72 5.88 10.04
N THR B 332 15.89 6.45 10.90
CA THR B 332 15.70 7.89 10.92
C THR B 332 16.97 8.58 11.39
N ASP B 333 17.04 9.89 11.14
CA ASP B 333 18.27 10.63 11.36
C ASP B 333 18.69 10.64 12.82
N ASP B 334 17.74 10.85 13.73
CA ASP B 334 18.07 10.90 15.15
C ASP B 334 18.12 9.52 15.79
N GLY B 335 17.81 8.46 15.04
CA GLY B 335 17.85 7.12 15.59
C GLY B 335 16.65 6.74 16.40
N MET B 336 15.55 7.49 16.30
CA MET B 336 14.37 7.17 17.08
C MET B 336 13.81 5.80 16.73
N ALA B 337 13.74 5.49 15.43
CA ALA B 337 13.04 4.30 14.97
C ALA B 337 13.62 3.84 13.65
N VAL B 338 13.12 2.70 13.17
CA VAL B 338 13.48 2.15 11.88
C VAL B 338 12.21 1.74 11.15
N ALA B 339 12.02 2.25 9.94
CA ALA B 339 10.88 1.87 9.12
C ALA B 339 11.22 0.64 8.28
N THR B 340 10.19 0.03 7.70
CA THR B 340 10.39 -1.16 6.89
C THR B 340 9.17 -1.35 6.00
N GLY B 341 9.40 -1.38 4.69
CA GLY B 341 8.34 -1.68 3.74
C GLY B 341 8.50 -3.07 3.19
N SER B 342 7.45 -3.63 2.59
CA SER B 342 7.52 -4.97 2.04
C SER B 342 6.51 -5.11 0.91
N TRP B 343 6.46 -6.30 0.34
CA TRP B 343 5.60 -6.56 -0.80
C TRP B 343 4.16 -6.89 -0.41
N ASP B 344 3.85 -6.93 0.88
CA ASP B 344 2.47 -7.07 1.33
C ASP B 344 1.77 -5.72 1.47
N SER B 345 2.44 -4.64 1.08
CA SER B 345 1.86 -3.30 1.00
C SER B 345 1.58 -2.71 2.38
N PHE B 346 2.46 -2.98 3.35
CA PHE B 346 2.31 -2.48 4.70
C PHE B 346 3.64 -1.94 5.18
N LEU B 347 3.63 -0.70 5.70
CA LEU B 347 4.81 -0.12 6.33
C LEU B 347 4.72 -0.28 7.83
N LYS B 348 5.80 -0.75 8.45
CA LYS B 348 5.84 -0.99 9.89
C LYS B 348 6.97 -0.18 10.48
N ILE B 349 6.64 0.67 11.45
CA ILE B 349 7.64 1.44 12.19
C ILE B 349 8.01 0.65 13.44
N TRP B 350 9.28 0.30 13.57
CA TRP B 350 9.73 -0.48 14.70
C TRP B 350 10.54 0.40 15.64
N ASN B 351 10.64 -0.02 16.90
CA ASN B 351 11.36 0.77 17.88
C ASN B 351 11.69 -0.06 19.12
N THR C 5 -9.06 14.69 23.58
CA THR C 5 -7.67 14.77 24.00
C THR C 5 -6.77 15.27 22.88
N LEU C 6 -7.39 15.80 21.83
CA LEU C 6 -6.68 16.33 20.68
C LEU C 6 -6.95 17.82 20.54
N SER C 7 -5.96 18.54 20.02
CA SER C 7 -6.12 19.97 19.80
C SER C 7 -7.09 20.22 18.65
N ALA C 8 -7.52 21.47 18.53
CA ALA C 8 -8.45 21.83 17.47
C ALA C 8 -7.82 21.71 16.09
N GLU C 9 -6.49 21.69 16.01
CA GLU C 9 -5.80 21.51 14.74
C GLU C 9 -5.62 20.04 14.39
N ASP C 10 -5.32 19.21 15.40
CA ASP C 10 -5.19 17.77 15.14
C ASP C 10 -6.50 17.17 14.66
N LYS C 11 -7.64 17.73 15.08
CA LYS C 11 -8.92 17.25 14.58
C LYS C 11 -9.03 17.46 13.08
N ALA C 12 -8.61 18.62 12.59
CA ALA C 12 -8.64 18.88 11.16
C ALA C 12 -7.51 18.14 10.45
N ALA C 13 -6.46 17.74 11.16
CA ALA C 13 -5.42 16.91 10.56
C ALA C 13 -5.94 15.50 10.32
N VAL C 14 -6.63 14.92 11.31
CA VAL C 14 -7.20 13.59 11.14
C VAL C 14 -8.30 13.60 10.09
N GLU C 15 -9.08 14.68 10.02
CA GLU C 15 -10.11 14.79 9.00
C GLU C 15 -9.52 14.75 7.60
N ARG C 16 -8.39 15.43 7.39
CA ARG C 16 -7.74 15.39 6.10
C ARG C 16 -7.24 13.98 5.76
N SER C 17 -6.64 13.30 6.74
CA SER C 17 -6.16 11.94 6.50
C SER C 17 -7.31 10.99 6.16
N LYS C 18 -8.51 11.27 6.68
CA LYS C 18 -9.66 10.43 6.34
C LYS C 18 -10.05 10.60 4.88
N MET C 19 -10.00 11.82 4.36
CA MET C 19 -10.34 12.05 2.97
C MET C 19 -9.24 11.60 2.01
N ILE C 20 -8.01 11.46 2.49
CA ILE C 20 -6.99 10.76 1.69
C ILE C 20 -7.32 9.29 1.61
N GLU C 21 -7.68 8.68 2.74
CA GLU C 21 -8.02 7.25 2.77
C GLU C 21 -9.30 6.97 2.00
N LYS C 22 -10.22 7.93 1.94
CA LYS C 22 -11.44 7.74 1.17
C LYS C 22 -11.15 7.72 -0.33
N GLN C 23 -10.23 8.57 -0.78
CA GLN C 23 -9.86 8.58 -2.19
C GLN C 23 -9.06 7.34 -2.57
N LEU C 24 -8.24 6.82 -1.64
CA LEU C 24 -7.52 5.59 -1.91
C LEU C 24 -8.47 4.42 -2.07
N GLN C 25 -9.55 4.39 -1.29
CA GLN C 25 -10.53 3.32 -1.44
C GLN C 25 -11.19 3.37 -2.81
N LYS C 26 -11.52 4.57 -3.30
CA LYS C 26 -12.10 4.69 -4.62
C LYS C 26 -11.12 4.25 -5.70
N ASP C 27 -9.83 4.41 -5.46
CA ASP C 27 -8.82 3.95 -6.41
C ASP C 27 -8.54 2.46 -6.30
N LYS C 28 -8.96 1.82 -5.21
CA LYS C 28 -8.85 0.37 -5.10
C LYS C 28 -9.87 -0.33 -5.99
N GLN C 29 -10.96 0.35 -6.35
CA GLN C 29 -11.96 -0.25 -7.23
C GLN C 29 -11.43 -0.43 -8.64
N VAL C 30 -10.84 0.63 -9.20
CA VAL C 30 -10.34 0.56 -10.57
C VAL C 30 -9.16 -0.41 -10.65
N TYR C 31 -8.32 -0.44 -9.62
CA TYR C 31 -7.15 -1.31 -9.65
C TYR C 31 -7.54 -2.78 -9.67
N ARG C 32 -8.58 -3.14 -8.92
CA ARG C 32 -8.98 -4.55 -8.81
C ARG C 32 -9.82 -5.03 -9.99
N ALA C 33 -10.32 -4.12 -10.82
CA ALA C 33 -11.19 -4.48 -11.93
C ALA C 33 -10.46 -4.49 -13.27
N THR C 34 -9.13 -4.44 -13.25
CA THR C 34 -8.33 -4.38 -14.47
C THR C 34 -7.26 -5.47 -14.44
N HIS C 35 -6.93 -5.98 -15.61
CA HIS C 35 -5.95 -7.04 -15.76
C HIS C 35 -4.75 -6.51 -16.55
N ARG C 36 -3.55 -6.82 -16.07
CA ARG C 36 -2.32 -6.28 -16.61
C ARG C 36 -1.56 -7.37 -17.36
N LEU C 37 -1.15 -7.08 -18.59
CA LEU C 37 -0.46 -8.02 -19.45
C LEU C 37 0.89 -7.45 -19.87
N LEU C 38 1.85 -8.34 -20.09
CA LEU C 38 3.20 -7.96 -20.46
C LEU C 38 3.56 -8.58 -21.81
N LEU C 39 3.85 -7.74 -22.80
CA LEU C 39 4.32 -8.20 -24.09
C LEU C 39 5.82 -8.49 -24.04
N LEU C 40 6.23 -9.51 -24.78
CA LEU C 40 7.63 -9.89 -24.85
C LEU C 40 7.92 -10.44 -26.24
N GLY C 41 9.18 -10.80 -26.46
CA GLY C 41 9.57 -11.39 -27.74
C GLY C 41 10.85 -10.83 -28.31
N ALA C 42 10.85 -10.55 -29.62
CA ALA C 42 12.03 -10.08 -30.30
C ALA C 42 11.65 -8.99 -31.30
N ASP C 43 12.67 -8.42 -31.94
CA ASP C 43 12.45 -7.26 -32.81
C ASP C 43 11.75 -7.66 -34.09
N ASN C 44 12.10 -8.81 -34.68
CA ASN C 44 11.52 -9.21 -35.95
C ASN C 44 10.02 -9.47 -35.84
N SER C 45 9.60 -10.09 -34.74
CA SER C 45 8.18 -10.39 -34.55
C SER C 45 7.35 -9.12 -34.55
N GLY C 46 6.22 -9.16 -35.24
CA GLY C 46 5.43 -7.97 -35.46
C GLY C 46 4.62 -7.48 -34.28
N LYS C 47 5.28 -7.22 -33.14
CA LYS C 47 4.57 -6.70 -31.98
C LYS C 47 3.94 -5.35 -32.27
N SER C 48 4.67 -4.49 -32.99
CA SER C 48 4.13 -3.18 -33.33
C SER C 48 2.86 -3.31 -34.17
N THR C 49 2.83 -4.29 -35.07
CA THR C 49 1.62 -4.53 -35.84
C THR C 49 0.47 -4.98 -34.94
N ILE C 50 0.76 -5.85 -33.97
CA ILE C 50 -0.28 -6.32 -33.06
C ILE C 50 -0.88 -5.16 -32.28
N VAL C 51 -0.01 -4.34 -31.66
CA VAL C 51 -0.51 -3.24 -30.85
C VAL C 51 -1.19 -2.18 -31.71
N LYS C 52 -0.77 -2.03 -32.96
CA LYS C 52 -1.41 -1.05 -33.83
C LYS C 52 -2.80 -1.50 -34.25
N GLN C 53 -3.04 -2.82 -34.32
CA GLN C 53 -4.33 -3.31 -34.77
C GLN C 53 -5.42 -3.14 -33.72
N MET C 54 -5.09 -3.40 -32.46
CA MET C 54 -6.05 -3.24 -31.38
C MET C 54 -6.27 -1.77 -31.08
N ARG C 55 -5.18 -1.01 -30.96
CA ARG C 55 -5.29 0.40 -30.63
C ARG C 55 -6.18 1.13 -31.63
N ILE C 56 -6.05 0.81 -32.92
CA ILE C 56 -6.93 1.39 -33.93
C ILE C 56 -8.35 0.87 -33.76
N TYR C 57 -8.49 -0.43 -33.50
CA TYR C 57 -9.81 -1.02 -33.32
C TYR C 57 -10.38 -0.69 -31.95
N THR C 182 13.31 7.65 -25.91
CA THR C 182 13.92 6.81 -24.88
C THR C 182 12.95 6.58 -23.72
N SER C 183 11.67 6.38 -24.05
CA SER C 183 10.66 6.23 -23.01
C SER C 183 10.93 5.03 -22.13
N GLY C 184 10.95 3.83 -22.72
CA GLY C 184 11.29 2.62 -22.00
C GLY C 184 10.11 1.79 -21.54
N ILE C 185 8.91 2.36 -21.48
CA ILE C 185 7.70 1.60 -21.18
C ILE C 185 6.55 2.21 -21.97
N PHE C 186 5.86 1.39 -22.75
CA PHE C 186 4.68 1.79 -23.48
C PHE C 186 3.48 1.01 -22.99
N GLU C 187 2.38 1.71 -22.72
CA GLU C 187 1.17 1.09 -22.20
C GLU C 187 0.03 1.35 -23.16
N THR C 188 -0.72 0.31 -23.49
CA THR C 188 -1.89 0.41 -24.33
C THR C 188 -3.08 -0.23 -23.63
N LYS C 189 -4.27 0.28 -23.93
CA LYS C 189 -5.49 -0.14 -23.27
C LYS C 189 -6.48 -0.67 -24.29
N PHE C 190 -7.15 -1.77 -23.95
CA PHE C 190 -8.21 -2.32 -24.77
C PHE C 190 -9.16 -3.11 -23.88
N GLN C 191 -10.45 -2.98 -24.17
CA GLN C 191 -11.47 -3.68 -23.38
C GLN C 191 -12.52 -4.36 -24.24
N VAL C 192 -12.72 -5.64 -24.03
CA VAL C 192 -13.72 -6.43 -24.75
C VAL C 192 -14.62 -7.10 -23.72
N ASP C 193 -15.93 -7.10 -24.00
CA ASP C 193 -16.95 -7.59 -23.06
C ASP C 193 -16.88 -6.83 -21.73
N LYS C 194 -16.64 -5.52 -21.82
CA LYS C 194 -16.75 -4.61 -20.68
C LYS C 194 -15.79 -4.95 -19.54
N VAL C 195 -14.63 -5.50 -19.87
CA VAL C 195 -13.56 -5.71 -18.90
C VAL C 195 -12.26 -5.18 -19.50
N ASN C 196 -11.52 -4.41 -18.70
CA ASN C 196 -10.39 -3.63 -19.20
C ASN C 196 -9.08 -4.40 -19.06
N PHE C 197 -8.27 -4.38 -20.11
CA PHE C 197 -6.95 -4.97 -20.12
C PHE C 197 -5.92 -3.88 -20.40
N HIS C 198 -4.78 -3.95 -19.73
CA HIS C 198 -3.66 -3.03 -19.96
C HIS C 198 -2.43 -3.85 -20.33
N MET C 199 -1.87 -3.57 -21.51
CA MET C 199 -0.67 -4.24 -21.99
C MET C 199 0.52 -3.30 -21.88
N PHE C 200 1.60 -3.79 -21.29
CA PHE C 200 2.81 -3.01 -21.07
C PHE C 200 3.93 -3.56 -21.95
N ASP C 201 4.31 -2.81 -22.96
CA ASP C 201 5.41 -3.17 -23.85
C ASP C 201 6.67 -2.44 -23.41
N VAL C 202 7.74 -3.20 -23.17
CA VAL C 202 9.01 -2.62 -22.75
C VAL C 202 9.66 -1.94 -23.93
N GLY C 203 9.94 -0.65 -23.79
CA GLY C 203 10.49 0.14 -24.88
C GLY C 203 12.01 0.14 -24.90
N ALA C 204 12.60 1.33 -24.84
CA ALA C 204 14.05 1.47 -24.93
C ALA C 204 14.73 0.98 -23.66
N GLN C 205 15.12 -0.30 -23.65
CA GLN C 205 15.81 -0.88 -22.51
C GLN C 205 16.92 -1.77 -23.01
N ARG C 206 17.86 -2.10 -22.11
CA ARG C 206 18.99 -2.91 -22.48
C ARG C 206 18.56 -4.35 -22.74
N ASP C 207 19.51 -5.14 -23.27
CA ASP C 207 19.21 -6.52 -23.62
C ASP C 207 18.89 -7.36 -22.39
N GLU C 208 19.63 -7.18 -21.32
CA GLU C 208 19.42 -7.97 -20.11
C GLU C 208 18.09 -7.66 -19.48
N ARG C 209 17.36 -8.70 -19.08
CA ARG C 209 16.07 -8.57 -18.43
C ARG C 209 16.05 -9.26 -17.08
N ARG C 210 17.22 -9.57 -16.53
CA ARG C 210 17.29 -10.29 -15.27
C ARG C 210 16.67 -9.48 -14.13
N LYS C 211 16.87 -8.17 -14.14
CA LYS C 211 16.47 -7.33 -13.01
C LYS C 211 15.05 -6.78 -13.15
N TRP C 212 14.75 -6.14 -14.27
CA TRP C 212 13.44 -5.52 -14.31
C TRP C 212 12.31 -6.51 -14.54
N ILE C 213 12.53 -7.82 -14.57
CA ILE C 213 11.43 -8.75 -14.80
C ILE C 213 10.76 -9.19 -13.50
N GLN C 214 11.49 -9.16 -12.39
CA GLN C 214 10.91 -9.53 -11.11
C GLN C 214 9.84 -8.51 -10.70
N CYS C 215 9.81 -7.37 -11.37
CA CYS C 215 8.82 -6.35 -11.08
C CYS C 215 7.45 -6.79 -11.58
N PHE C 216 7.43 -7.52 -12.69
CA PHE C 216 6.18 -8.00 -13.27
C PHE C 216 5.78 -9.34 -12.69
N ASN C 217 5.59 -9.39 -11.37
CA ASN C 217 5.29 -10.67 -10.73
C ASN C 217 3.80 -10.89 -10.49
N ASP C 218 2.97 -9.90 -10.80
CA ASP C 218 1.54 -10.02 -10.53
C ASP C 218 0.67 -9.87 -11.77
N VAL C 219 1.25 -9.97 -12.97
CA VAL C 219 0.44 -9.90 -14.17
C VAL C 219 -0.38 -11.17 -14.31
N THR C 220 -1.47 -11.07 -15.08
CA THR C 220 -2.29 -12.26 -15.32
C THR C 220 -1.62 -13.21 -16.30
N ALA C 221 -1.03 -12.66 -17.36
CA ALA C 221 -0.43 -13.50 -18.40
C ALA C 221 0.62 -12.70 -19.17
N ILE C 222 1.50 -13.44 -19.83
CA ILE C 222 2.53 -12.90 -20.70
C ILE C 222 2.18 -13.26 -22.13
N ILE C 223 2.25 -12.28 -23.03
CA ILE C 223 1.98 -12.50 -24.44
C ILE C 223 3.32 -12.52 -25.14
N PHE C 224 3.78 -13.70 -25.54
CA PHE C 224 5.12 -13.89 -26.08
C PHE C 224 5.02 -14.08 -27.58
N VAL C 225 5.19 -12.99 -28.33
CA VAL C 225 5.07 -13.06 -29.78
C VAL C 225 6.34 -13.65 -30.38
N VAL C 226 6.17 -14.43 -31.45
CA VAL C 226 7.29 -15.07 -32.13
C VAL C 226 7.03 -15.00 -33.63
N ASP C 227 8.09 -14.74 -34.40
CA ASP C 227 8.02 -14.73 -35.85
C ASP C 227 8.44 -16.08 -36.40
N SER C 228 7.64 -16.61 -37.32
CA SER C 228 7.88 -17.91 -37.92
C SER C 228 8.36 -17.85 -39.36
N SER C 229 8.47 -16.65 -39.94
CA SER C 229 8.82 -16.53 -41.35
C SER C 229 10.22 -17.04 -41.63
N ASP C 230 11.21 -16.56 -40.89
CA ASP C 230 12.59 -16.95 -41.10
C ASP C 230 13.00 -18.04 -40.13
N TYR C 231 13.87 -18.94 -40.57
CA TYR C 231 14.15 -20.14 -39.81
C TYR C 231 15.36 -20.01 -38.88
N ASN C 232 16.20 -19.00 -39.11
CA ASN C 232 17.39 -18.85 -38.28
C ASN C 232 17.04 -18.38 -36.87
N ARG C 233 16.03 -17.51 -36.75
CA ARG C 233 15.70 -16.94 -35.46
C ARG C 233 14.97 -17.95 -34.57
N LEU C 234 14.34 -18.97 -35.16
CA LEU C 234 13.55 -19.92 -34.39
C LEU C 234 14.36 -20.54 -33.27
N GLN C 235 15.61 -20.90 -33.55
CA GLN C 235 16.48 -21.41 -32.50
C GLN C 235 16.71 -20.35 -31.42
N GLU C 236 16.90 -19.10 -31.84
CA GLU C 236 17.07 -18.00 -30.89
C GLU C 236 15.82 -17.83 -30.03
N ALA C 237 14.64 -17.95 -30.65
CA ALA C 237 13.40 -17.79 -29.91
C ALA C 237 13.24 -18.86 -28.82
N LEU C 238 13.59 -20.11 -29.13
CA LEU C 238 13.53 -21.16 -28.12
C LEU C 238 14.44 -20.84 -26.94
N ASN C 239 15.59 -20.22 -27.20
CA ASN C 239 16.44 -19.78 -26.10
C ASN C 239 15.76 -18.68 -25.28
N ASP C 240 15.05 -17.77 -25.97
CA ASP C 240 14.34 -16.70 -25.27
C ASP C 240 13.17 -17.27 -24.48
N PHE C 241 12.37 -18.12 -25.11
CA PHE C 241 11.19 -18.68 -24.45
C PHE C 241 11.58 -19.52 -23.25
N LYS C 242 12.65 -20.32 -23.37
CA LYS C 242 13.03 -21.22 -22.29
C LYS C 242 13.43 -20.45 -21.04
N SER C 243 14.14 -19.35 -21.20
CA SER C 243 14.59 -18.58 -20.03
C SER C 243 13.44 -17.89 -19.34
N ILE C 244 12.44 -17.41 -20.10
CA ILE C 244 11.28 -16.77 -19.49
C ILE C 244 10.45 -17.79 -18.72
N TRP C 245 10.21 -18.96 -19.32
CA TRP C 245 9.36 -19.95 -18.69
C TRP C 245 9.96 -20.46 -17.38
N ASN C 246 11.28 -20.67 -17.36
CA ASN C 246 11.94 -21.25 -16.20
C ASN C 246 12.37 -20.21 -15.18
N ASN C 247 12.00 -18.94 -15.39
CA ASN C 247 12.40 -17.88 -14.46
C ASN C 247 11.76 -18.09 -13.10
N ARG C 248 12.51 -17.72 -12.05
CA ARG C 248 12.00 -17.91 -10.69
C ARG C 248 10.90 -16.91 -10.35
N TRP C 249 11.01 -15.68 -10.83
CA TRP C 249 10.03 -14.65 -10.51
C TRP C 249 8.82 -14.67 -11.42
N LEU C 250 8.78 -15.58 -12.40
CA LEU C 250 7.66 -15.66 -13.32
C LEU C 250 6.91 -16.98 -13.22
N ARG C 251 7.14 -17.76 -12.18
CA ARG C 251 6.30 -18.93 -11.97
C ARG C 251 4.89 -18.49 -11.60
N THR C 252 3.93 -19.39 -11.79
CA THR C 252 2.51 -19.09 -11.66
C THR C 252 2.10 -17.95 -12.59
N ILE C 253 2.79 -17.80 -13.71
CA ILE C 253 2.43 -16.84 -14.74
C ILE C 253 2.35 -17.58 -16.06
N SER C 254 1.17 -17.59 -16.66
CA SER C 254 0.93 -18.36 -17.88
C SER C 254 1.23 -17.52 -19.12
N VAL C 255 1.65 -18.19 -20.18
CA VAL C 255 2.15 -17.54 -21.39
C VAL C 255 1.15 -17.76 -22.51
N ILE C 256 0.66 -16.68 -23.09
CA ILE C 256 -0.21 -16.76 -24.29
C ILE C 256 0.71 -16.67 -25.49
N LEU C 257 1.29 -17.81 -25.85
CA LEU C 257 2.27 -17.85 -26.93
C LEU C 257 1.61 -17.55 -28.26
N PHE C 258 2.25 -16.70 -29.06
CA PHE C 258 1.76 -16.38 -30.39
C PHE C 258 2.80 -16.81 -31.43
N LEU C 259 2.30 -17.29 -32.57
CA LEU C 259 3.10 -17.49 -33.77
C LEU C 259 2.56 -16.57 -34.84
N ASN C 260 3.39 -15.63 -35.28
CA ASN C 260 2.94 -14.54 -36.14
C ASN C 260 3.47 -14.71 -37.56
N LYS C 261 2.87 -13.95 -38.47
CA LYS C 261 3.23 -13.93 -39.88
C LYS C 261 3.20 -15.35 -40.46
N GLN C 262 2.10 -16.06 -40.19
CA GLN C 262 1.97 -17.42 -40.68
C GLN C 262 1.78 -17.47 -42.19
N ASP C 263 1.17 -16.44 -42.77
CA ASP C 263 0.96 -16.43 -44.22
C ASP C 263 2.27 -16.43 -44.97
N LEU C 264 3.25 -15.64 -44.50
CA LEU C 264 4.55 -15.61 -45.13
C LEU C 264 5.26 -16.95 -44.97
N LEU C 265 5.01 -17.66 -43.86
CA LEU C 265 5.58 -18.99 -43.68
C LEU C 265 5.07 -19.96 -44.75
N ALA C 266 3.78 -19.87 -45.08
CA ALA C 266 3.23 -20.72 -46.13
C ALA C 266 3.89 -20.42 -47.47
N GLU C 267 4.08 -19.14 -47.79
CA GLU C 267 4.66 -18.77 -49.07
C GLU C 267 6.08 -19.30 -49.21
N LYS C 268 6.88 -19.19 -48.15
CA LYS C 268 8.27 -19.63 -48.23
C LYS C 268 8.37 -21.14 -48.41
N VAL C 269 7.57 -21.90 -47.68
CA VAL C 269 7.67 -23.36 -47.75
C VAL C 269 7.11 -23.90 -49.07
N LEU C 270 6.05 -23.30 -49.60
CA LEU C 270 5.51 -23.79 -50.87
C LEU C 270 6.47 -23.52 -52.02
N ALA C 271 7.21 -22.40 -51.96
CA ALA C 271 8.23 -22.14 -52.96
C ALA C 271 9.33 -23.20 -52.91
N GLY C 272 9.71 -23.62 -51.70
CA GLY C 272 10.65 -24.69 -51.53
C GLY C 272 12.11 -24.32 -51.67
N LYS C 273 12.42 -23.03 -51.91
CA LYS C 273 13.81 -22.63 -52.03
C LYS C 273 14.57 -22.81 -50.72
N SER C 274 13.92 -22.52 -49.60
CA SER C 274 14.52 -22.64 -48.28
C SER C 274 13.97 -23.87 -47.57
N LYS C 275 14.87 -24.72 -47.10
CA LYS C 275 14.50 -25.95 -46.41
C LYS C 275 14.47 -25.72 -44.90
N ILE C 276 13.89 -26.69 -44.20
CA ILE C 276 13.76 -26.60 -42.74
C ILE C 276 14.79 -27.56 -42.14
N GLU C 277 15.01 -28.68 -42.82
CA GLU C 277 15.86 -29.74 -42.29
C GLU C 277 17.31 -29.29 -42.12
N ASP C 278 17.76 -28.30 -42.90
CA ASP C 278 19.12 -27.80 -42.74
C ASP C 278 19.32 -27.19 -41.36
N TYR C 279 18.33 -26.42 -40.89
CA TYR C 279 18.44 -25.81 -39.57
C TYR C 279 18.10 -26.82 -38.48
N PHE C 280 16.97 -27.50 -38.64
CA PHE C 280 16.57 -28.53 -37.68
C PHE C 280 16.40 -29.84 -38.42
N PRO C 281 17.39 -30.74 -38.30
CA PRO C 281 17.31 -31.98 -39.07
C PRO C 281 16.37 -33.01 -38.47
N GLU C 282 15.19 -32.56 -38.04
CA GLU C 282 14.14 -33.47 -37.59
C GLU C 282 12.84 -33.26 -38.33
N PHE C 283 12.77 -32.32 -39.26
CA PHE C 283 11.54 -32.09 -40.01
C PHE C 283 11.16 -33.28 -40.87
N ALA C 284 12.12 -34.12 -41.27
CA ALA C 284 11.84 -35.29 -42.08
C ALA C 284 11.33 -36.46 -41.23
N ARG C 285 12.00 -36.73 -40.11
CA ARG C 285 11.57 -37.81 -39.24
C ARG C 285 10.21 -37.51 -38.63
N TYR C 286 9.99 -36.27 -38.20
CA TYR C 286 8.73 -35.89 -37.58
C TYR C 286 7.60 -35.91 -38.59
N THR C 287 6.43 -36.38 -38.14
CA THR C 287 5.23 -36.41 -38.97
C THR C 287 4.11 -35.69 -38.24
N THR C 288 3.22 -35.06 -39.01
CA THR C 288 2.13 -34.31 -38.40
C THR C 288 1.26 -35.23 -37.57
N PRO C 289 0.95 -34.82 -36.34
CA PRO C 289 0.13 -35.66 -35.47
C PRO C 289 -1.34 -35.62 -35.88
N GLU C 290 -2.07 -36.65 -35.43
CA GLU C 290 -3.49 -36.76 -35.75
C GLU C 290 -4.31 -35.65 -35.11
N ASP C 291 -3.81 -35.02 -34.05
CA ASP C 291 -4.54 -33.96 -33.38
C ASP C 291 -4.57 -32.66 -34.19
N ALA C 292 -3.79 -32.57 -35.26
CA ALA C 292 -3.79 -31.36 -36.08
C ALA C 292 -5.15 -31.17 -36.73
N THR C 293 -5.62 -29.92 -36.73
CA THR C 293 -6.92 -29.56 -37.28
C THR C 293 -6.75 -28.39 -38.24
N PRO C 294 -6.27 -28.64 -39.45
CA PRO C 294 -6.07 -27.55 -40.41
C PRO C 294 -7.33 -27.21 -41.19
N GLU C 295 -7.42 -25.94 -41.58
CA GLU C 295 -8.52 -25.46 -42.38
C GLU C 295 -8.38 -25.95 -43.82
N PRO C 296 -9.48 -26.04 -44.56
CA PRO C 296 -9.38 -26.39 -45.97
C PRO C 296 -8.63 -25.34 -46.76
N GLY C 297 -7.94 -25.78 -47.80
CA GLY C 297 -7.14 -24.92 -48.64
C GLY C 297 -5.66 -24.89 -48.33
N GLU C 298 -5.20 -25.72 -47.41
CA GLU C 298 -3.80 -25.78 -47.03
C GLU C 298 -3.27 -27.18 -47.29
N ASP C 299 -2.13 -27.27 -47.98
CA ASP C 299 -1.55 -28.56 -48.28
C ASP C 299 -0.95 -29.18 -47.03
N PRO C 300 -0.71 -30.50 -47.04
CA PRO C 300 -0.07 -31.13 -45.87
C PRO C 300 1.31 -30.55 -45.55
N ARG C 301 2.05 -30.08 -46.56
CA ARG C 301 3.39 -29.58 -46.30
C ARG C 301 3.37 -28.35 -45.39
N VAL C 302 2.46 -27.41 -45.64
CA VAL C 302 2.35 -26.24 -44.77
C VAL C 302 1.95 -26.68 -43.36
N THR C 303 0.93 -27.55 -43.27
CA THR C 303 0.46 -28.00 -41.97
C THR C 303 1.53 -28.80 -41.25
N ARG C 304 2.30 -29.62 -41.97
CA ARG C 304 3.39 -30.36 -41.34
C ARG C 304 4.43 -29.42 -40.76
N ALA C 305 4.75 -28.35 -41.49
CA ALA C 305 5.73 -27.38 -41.01
C ALA C 305 5.15 -26.47 -39.94
N LYS C 306 3.91 -26.00 -40.14
CA LYS C 306 3.30 -25.07 -39.20
C LYS C 306 3.15 -25.72 -37.82
N TYR C 307 2.70 -26.96 -37.78
CA TYR C 307 2.56 -27.65 -36.51
C TYR C 307 3.88 -28.17 -35.97
N PHE C 308 4.95 -28.15 -36.77
CA PHE C 308 6.24 -28.60 -36.27
C PHE C 308 6.84 -27.58 -35.31
N ILE C 309 6.81 -26.30 -35.66
CA ILE C 309 7.36 -25.27 -34.79
C ILE C 309 6.51 -25.14 -33.53
N ARG C 310 5.18 -25.29 -33.66
CA ARG C 310 4.30 -25.17 -32.50
C ARG C 310 4.63 -26.23 -31.46
N ASP C 311 4.87 -27.46 -31.89
CA ASP C 311 5.26 -28.52 -30.98
C ASP C 311 6.67 -28.34 -30.44
N GLU C 312 7.55 -27.65 -31.20
CA GLU C 312 8.89 -27.39 -30.70
C GLU C 312 8.84 -26.48 -29.49
N PHE C 313 8.01 -25.44 -29.54
CA PHE C 313 7.85 -24.55 -28.39
C PHE C 313 7.24 -25.31 -27.22
N LEU C 314 6.20 -26.11 -27.48
CA LEU C 314 5.54 -26.86 -26.42
C LEU C 314 6.43 -27.93 -25.83
N ARG C 315 7.43 -28.41 -26.57
CA ARG C 315 8.31 -29.45 -26.05
C ARG C 315 9.00 -29.01 -24.78
N ILE C 316 9.35 -27.73 -24.69
CA ILE C 316 9.98 -27.19 -23.49
C ILE C 316 8.98 -26.62 -22.50
N SER C 317 7.75 -26.33 -22.94
CA SER C 317 6.73 -25.79 -22.06
C SER C 317 6.19 -26.86 -21.10
N THR C 318 5.97 -28.07 -21.60
CA THR C 318 5.39 -29.12 -20.77
C THR C 318 6.35 -29.59 -19.70
N ALA C 319 7.66 -29.46 -19.94
CA ALA C 319 8.65 -30.02 -19.01
C ALA C 319 8.58 -29.34 -17.64
N SER C 320 8.44 -28.03 -17.61
CA SER C 320 8.45 -27.32 -16.34
C SER C 320 7.18 -26.58 -15.95
N GLY C 321 6.03 -27.00 -16.47
CA GLY C 321 4.79 -26.33 -16.10
C GLY C 321 4.54 -26.50 -14.60
N ASP C 322 4.75 -27.71 -14.12
CA ASP C 322 4.61 -28.07 -12.70
C ASP C 322 3.26 -27.71 -12.08
N GLY C 323 2.19 -27.87 -12.85
CA GLY C 323 0.85 -27.56 -12.36
C GLY C 323 0.71 -26.15 -11.82
N ARG C 324 1.28 -25.17 -12.50
CA ARG C 324 1.19 -23.79 -12.04
C ARG C 324 0.88 -22.80 -13.16
N HIS C 325 1.50 -22.98 -14.33
CA HIS C 325 1.21 -22.10 -15.45
C HIS C 325 1.11 -22.93 -16.72
N TYR C 326 0.39 -22.39 -17.71
CA TYR C 326 0.07 -23.12 -18.92
C TYR C 326 0.34 -22.26 -20.15
N CYS C 327 0.61 -22.92 -21.26
CA CYS C 327 0.86 -22.26 -22.54
C CYS C 327 -0.37 -22.38 -23.44
N TYR C 328 -0.70 -21.31 -24.14
CA TYR C 328 -1.87 -21.25 -25.01
C TYR C 328 -1.45 -20.75 -26.39
N PRO C 329 -0.84 -21.61 -27.19
CA PRO C 329 -0.34 -21.18 -28.50
C PRO C 329 -1.47 -20.84 -29.46
N HIS C 330 -1.13 -20.02 -30.44
CA HIS C 330 -2.07 -19.58 -31.47
C HIS C 330 -1.37 -19.55 -32.82
N PHE C 331 -2.13 -19.21 -33.85
CA PHE C 331 -1.62 -19.17 -35.23
C PHE C 331 -2.09 -17.90 -35.91
N THR C 332 -1.91 -16.76 -35.25
CA THR C 332 -2.36 -15.50 -35.78
C THR C 332 -1.47 -15.03 -36.92
N CYS C 333 -1.87 -13.95 -37.56
CA CYS C 333 -1.12 -13.38 -38.68
C CYS C 333 -0.86 -11.90 -38.45
N SER C 334 -0.33 -11.21 -39.46
CA SER C 334 -0.02 -9.79 -39.33
C SER C 334 -1.28 -8.99 -39.04
N VAL C 335 -2.22 -8.97 -39.98
CA VAL C 335 -3.49 -8.27 -39.81
C VAL C 335 -4.57 -9.30 -39.53
N ASP C 336 -5.33 -9.08 -38.47
CA ASP C 336 -6.38 -9.99 -38.05
C ASP C 336 -7.62 -9.18 -37.67
N THR C 337 -8.79 -9.65 -38.10
CA THR C 337 -10.01 -8.98 -37.72
C THR C 337 -10.21 -9.01 -36.21
N GLU C 338 -9.89 -10.13 -35.59
CA GLU C 338 -10.05 -10.27 -34.16
C GLU C 338 -8.85 -10.94 -33.52
N ASN C 339 -8.24 -10.27 -32.54
CA ASN C 339 -7.08 -10.83 -31.86
C ASN C 339 -7.25 -10.77 -30.35
N ALA C 340 -7.78 -9.66 -29.84
CA ALA C 340 -8.02 -9.59 -28.41
C ALA C 340 -8.90 -10.70 -27.86
N ARG C 341 -9.85 -11.19 -28.66
CA ARG C 341 -10.75 -12.24 -28.20
C ARG C 341 -9.99 -13.50 -27.81
N ARG C 342 -8.88 -13.78 -28.48
CA ARG C 342 -8.06 -14.92 -28.08
C ARG C 342 -7.46 -14.70 -26.70
N ILE C 343 -7.04 -13.47 -26.39
CA ILE C 343 -6.50 -13.18 -25.07
C ILE C 343 -7.60 -13.23 -24.03
N PHE C 344 -8.80 -12.78 -24.38
CA PHE C 344 -9.94 -12.85 -23.46
C PHE C 344 -10.23 -14.29 -23.05
N ASN C 345 -10.36 -15.18 -24.02
CA ASN C 345 -10.68 -16.57 -23.72
C ASN C 345 -9.54 -17.26 -22.96
N ASP C 346 -8.30 -16.87 -23.23
CA ASP C 346 -7.18 -17.46 -22.50
C ASP C 346 -7.11 -16.91 -21.08
N CYS C 347 -7.32 -15.60 -20.90
CA CYS C 347 -7.28 -15.03 -19.57
C CYS C 347 -8.38 -15.61 -18.69
N ARG C 348 -9.58 -15.78 -19.25
CA ARG C 348 -10.67 -16.40 -18.49
C ARG C 348 -10.30 -17.80 -18.07
N ASP C 349 -9.68 -18.57 -18.93
CA ASP C 349 -9.28 -19.89 -18.51
C ASP C 349 -8.14 -19.81 -17.51
N ILE C 350 -7.25 -18.85 -17.66
CA ILE C 350 -6.06 -18.81 -16.82
C ILE C 350 -6.43 -18.64 -15.36
N ILE C 351 -7.35 -17.72 -15.07
CA ILE C 351 -7.71 -17.46 -13.67
C ILE C 351 -8.81 -18.39 -13.17
N GLN C 352 -9.67 -18.88 -14.06
CA GLN C 352 -10.63 -19.89 -13.65
C GLN C 352 -9.94 -21.13 -13.10
N ARG C 353 -8.77 -21.43 -13.68
CA ARG C 353 -7.94 -22.56 -13.21
C ARG C 353 -7.24 -22.13 -11.92
N MET C 354 -7.01 -20.83 -11.74
CA MET C 354 -6.37 -20.33 -10.53
C MET C 354 -7.33 -20.37 -9.35
N HIS C 355 -8.58 -19.94 -9.56
CA HIS C 355 -9.57 -20.02 -8.51
C HIS C 355 -9.86 -21.47 -8.14
N LEU C 356 -10.04 -22.33 -9.14
CA LEU C 356 -10.33 -23.73 -8.87
C LEU C 356 -9.21 -24.40 -8.10
N ARG C 357 -7.96 -24.05 -8.41
CA ARG C 357 -6.84 -24.57 -7.65
C ARG C 357 -6.82 -24.00 -6.24
N GLN C 358 -7.28 -22.75 -6.11
CA GLN C 358 -7.28 -22.02 -4.81
C GLN C 358 -8.25 -22.67 -3.82
N TYR C 359 -9.45 -23.02 -4.30
CA TYR C 359 -10.50 -23.62 -3.49
C TYR C 359 -10.35 -25.12 -3.34
N GLU C 360 -9.17 -25.67 -3.60
CA GLU C 360 -8.91 -27.10 -3.51
C GLU C 360 -9.85 -27.90 -4.39
N LEU C 361 -10.27 -27.32 -5.51
CA LEU C 361 -11.16 -28.00 -6.45
C LEU C 361 -10.37 -28.67 -7.57
N LEU C 362 -9.38 -27.95 -8.11
CA LEU C 362 -8.56 -28.49 -9.18
C LEU C 362 -7.34 -29.18 -8.60
N VAL D 39 -3.36 32.67 -6.20
CA VAL D 39 -4.13 32.78 -4.98
C VAL D 39 -4.73 34.16 -4.86
N GLN D 40 -5.97 34.31 -5.31
CA GLN D 40 -6.68 35.59 -5.20
C GLN D 40 -8.19 35.27 -5.13
N LEU D 41 -8.80 35.61 -4.01
CA LEU D 41 -10.22 35.38 -3.79
C LEU D 41 -10.92 36.69 -3.45
N VAL D 42 -12.10 36.88 -4.03
CA VAL D 42 -12.86 38.12 -3.84
C VAL D 42 -14.13 37.79 -3.07
N GLU D 43 -14.66 38.80 -2.39
CA GLU D 43 -15.85 38.67 -1.57
C GLU D 43 -16.94 39.58 -2.12
N SER D 44 -18.17 39.06 -2.17
CA SER D 44 -19.28 39.78 -2.78
C SER D 44 -20.48 39.72 -1.85
N GLY D 45 -21.35 40.73 -1.99
CA GLY D 45 -22.53 40.86 -1.15
C GLY D 45 -22.67 42.26 -0.60
N GLY D 46 -22.79 42.38 0.72
CA GLY D 46 -22.80 43.68 1.35
C GLY D 46 -24.02 44.51 0.98
N GLY D 47 -23.84 45.82 0.97
CA GLY D 47 -24.92 46.74 0.65
C GLY D 47 -25.75 47.12 1.86
N LEU D 48 -26.68 48.03 1.62
CA LEU D 48 -27.58 48.49 2.66
C LEU D 48 -28.68 47.47 2.91
N VAL D 49 -28.82 47.06 4.17
CA VAL D 49 -29.79 46.05 4.56
C VAL D 49 -30.61 46.58 5.73
N GLN D 50 -31.83 46.06 5.87
CA GLN D 50 -32.76 46.45 6.91
C GLN D 50 -32.53 45.64 8.17
N PRO D 51 -32.87 46.19 9.35
CA PRO D 51 -32.64 45.45 10.60
C PRO D 51 -33.67 44.36 10.83
N GLY D 52 -33.45 43.20 10.22
CA GLY D 52 -34.39 42.10 10.35
C GLY D 52 -34.51 41.29 9.07
N GLY D 53 -33.90 41.78 8.00
CA GLY D 53 -33.94 41.11 6.72
C GLY D 53 -32.91 40.00 6.62
N SER D 54 -32.58 39.65 5.38
CA SER D 54 -31.62 38.60 5.09
C SER D 54 -30.67 39.05 4.00
N ARG D 55 -29.47 38.47 4.00
CA ARG D 55 -28.47 38.80 2.99
C ARG D 55 -27.59 37.58 2.76
N LYS D 56 -27.03 37.51 1.55
CA LYS D 56 -26.17 36.41 1.14
C LYS D 56 -24.77 36.94 0.88
N LEU D 57 -23.76 36.28 1.44
CA LEU D 57 -22.36 36.66 1.28
C LEU D 57 -21.62 35.55 0.57
N SER D 58 -20.80 35.92 -0.41
CA SER D 58 -20.06 34.97 -1.23
C SER D 58 -18.59 35.31 -1.25
N CYS D 59 -17.75 34.28 -1.25
CA CYS D 59 -16.29 34.42 -1.33
C CYS D 59 -15.81 33.43 -2.39
N SER D 60 -15.61 33.91 -3.61
CA SER D 60 -15.27 33.06 -4.74
C SER D 60 -13.76 32.89 -4.84
N ALA D 61 -13.31 31.64 -4.78
CA ALA D 61 -11.89 31.33 -4.80
C ALA D 61 -11.41 31.09 -6.23
N SER D 62 -10.12 31.35 -6.44
CA SER D 62 -9.50 31.12 -7.74
C SER D 62 -8.00 31.07 -7.58
N GLY D 63 -7.36 30.17 -8.33
CA GLY D 63 -5.92 30.06 -8.33
C GLY D 63 -5.34 29.04 -7.38
N PHE D 64 -6.15 28.18 -6.77
CA PHE D 64 -5.65 27.20 -5.83
C PHE D 64 -6.68 26.10 -5.66
N ALA D 65 -6.23 24.99 -5.06
CA ALA D 65 -7.07 23.82 -4.85
C ALA D 65 -8.04 24.09 -3.71
N PHE D 66 -9.13 24.81 -4.04
CA PHE D 66 -10.12 25.20 -3.05
C PHE D 66 -10.77 24.00 -2.37
N SER D 67 -10.77 22.84 -3.01
CA SER D 67 -11.45 21.68 -2.44
C SER D 67 -10.70 21.05 -1.28
N SER D 68 -9.46 21.48 -1.01
CA SER D 68 -8.67 20.90 0.07
C SER D 68 -8.32 21.94 1.13
N PHE D 69 -9.14 22.99 1.25
CA PHE D 69 -8.87 24.08 2.17
C PHE D 69 -10.07 24.28 3.09
N GLY D 70 -9.83 24.27 4.39
CA GLY D 70 -10.83 24.76 5.32
C GLY D 70 -11.04 26.26 5.15
N MET D 71 -12.26 26.71 5.38
CA MET D 71 -12.61 28.11 5.18
C MET D 71 -13.27 28.65 6.44
N HIS D 72 -12.88 29.87 6.81
CA HIS D 72 -13.46 30.58 7.95
C HIS D 72 -14.07 31.88 7.47
N TRP D 73 -14.86 32.49 8.35
CA TRP D 73 -15.33 33.86 8.17
C TRP D 73 -15.00 34.62 9.45
N VAL D 74 -14.44 35.81 9.31
CA VAL D 74 -14.01 36.60 10.45
C VAL D 74 -14.58 38.01 10.30
N ARG D 75 -15.18 38.51 11.38
CA ARG D 75 -15.77 39.83 11.40
C ARG D 75 -14.76 40.84 11.92
N GLN D 76 -14.93 42.10 11.52
CA GLN D 76 -14.10 43.19 12.01
C GLN D 76 -14.98 44.43 12.14
N ALA D 77 -15.24 44.84 13.38
CA ALA D 77 -16.14 45.96 13.62
C ALA D 77 -15.56 47.25 13.05
N PRO D 78 -16.40 48.20 12.65
CA PRO D 78 -15.88 49.43 12.03
C PRO D 78 -14.93 50.20 12.91
N GLU D 79 -15.09 50.15 14.24
CA GLU D 79 -14.21 50.87 15.13
C GLU D 79 -13.76 49.99 16.30
N LYS D 80 -13.50 48.72 16.04
CA LYS D 80 -13.06 47.79 17.08
C LYS D 80 -12.18 46.73 16.43
N GLY D 81 -11.89 45.68 17.18
CA GLY D 81 -11.05 44.60 16.71
C GLY D 81 -11.80 43.63 15.83
N LEU D 82 -11.16 42.51 15.55
CA LEU D 82 -11.72 41.47 14.72
C LEU D 82 -12.18 40.29 15.57
N GLU D 83 -13.21 39.61 15.07
CA GLU D 83 -13.76 38.47 15.79
C GLU D 83 -14.13 37.35 14.83
N TRP D 84 -14.18 36.14 15.34
CA TRP D 84 -14.51 34.97 14.54
C TRP D 84 -16.01 34.94 14.26
N VAL D 85 -16.40 34.26 13.17
CA VAL D 85 -17.82 34.14 12.84
C VAL D 85 -18.22 32.68 12.69
N ALA D 86 -17.54 31.94 11.82
CA ALA D 86 -17.94 30.58 11.51
C ALA D 86 -16.73 29.81 10.99
N TYR D 87 -16.96 28.54 10.64
CA TYR D 87 -15.90 27.69 10.09
C TYR D 87 -16.48 26.44 9.46
N ILE D 88 -16.08 26.13 8.23
CA ILE D 88 -16.50 24.91 7.56
C ILE D 88 -15.25 24.18 7.07
N SER D 89 -15.13 22.92 7.45
CA SER D 89 -13.95 22.15 7.11
C SER D 89 -13.95 21.81 5.61
N SER D 90 -12.80 21.36 5.13
CA SER D 90 -12.70 20.90 3.74
C SER D 90 -13.51 19.63 3.57
N GLY D 91 -14.35 19.60 2.54
CA GLY D 91 -15.27 18.50 2.38
C GLY D 91 -16.50 18.56 3.27
N SER D 92 -16.70 19.69 3.94
CA SER D 92 -17.87 19.88 4.78
C SER D 92 -18.07 18.77 5.80
N GLY D 93 -16.98 18.22 6.30
CA GLY D 93 -17.09 17.18 7.32
C GLY D 93 -17.58 17.72 8.66
N THR D 94 -16.99 18.83 9.08
CA THR D 94 -17.35 19.43 10.36
C THR D 94 -17.60 20.92 10.22
N ILE D 95 -18.51 21.44 11.03
CA ILE D 95 -18.84 22.86 11.00
C ILE D 95 -18.97 23.36 12.43
N TYR D 96 -18.41 24.53 12.70
CA TYR D 96 -18.58 25.22 13.97
C TYR D 96 -19.18 26.59 13.74
N TYR D 97 -19.71 27.19 14.80
CA TYR D 97 -20.28 28.52 14.73
C TYR D 97 -19.87 29.32 15.96
N ALA D 98 -19.94 30.64 15.83
CA ALA D 98 -19.72 31.52 16.96
C ALA D 98 -20.96 31.53 17.83
N ASP D 99 -20.78 31.41 19.15
CA ASP D 99 -21.91 31.37 20.06
C ASP D 99 -22.68 32.69 20.06
N THR D 100 -22.08 33.77 19.57
CA THR D 100 -22.78 35.05 19.53
C THR D 100 -23.99 34.99 18.62
N VAL D 101 -23.84 34.39 17.44
CA VAL D 101 -24.91 34.38 16.44
C VAL D 101 -25.18 32.96 15.96
N LYS D 102 -24.92 31.98 16.82
CA LYS D 102 -25.18 30.59 16.45
C LYS D 102 -26.66 30.38 16.19
N GLY D 103 -26.98 29.70 15.09
CA GLY D 103 -28.34 29.42 14.71
C GLY D 103 -28.98 30.43 13.77
N ARG D 104 -28.34 31.57 13.55
CA ARG D 104 -28.86 32.56 12.61
C ARG D 104 -28.03 32.67 11.33
N PHE D 105 -26.88 32.01 11.27
CA PHE D 105 -26.00 32.03 10.10
C PHE D 105 -25.81 30.62 9.58
N THR D 106 -25.54 30.52 8.28
CA THR D 106 -25.22 29.24 7.65
C THR D 106 -24.02 29.41 6.72
N ILE D 107 -23.13 28.42 6.74
CA ILE D 107 -21.95 28.40 5.90
C ILE D 107 -22.03 27.18 4.99
N SER D 108 -21.91 27.40 3.69
CA SER D 108 -22.02 26.32 2.71
C SER D 108 -20.92 26.44 1.68
N ARG D 109 -20.55 25.31 1.10
CA ARG D 109 -19.49 25.21 0.10
C ARG D 109 -20.07 24.87 -1.27
N ASP D 110 -19.23 25.05 -2.29
CA ASP D 110 -19.54 24.57 -3.63
C ASP D 110 -18.20 24.32 -4.34
N ASP D 111 -17.75 23.08 -4.36
CA ASP D 111 -16.45 22.81 -4.96
C ASP D 111 -16.53 22.86 -6.50
N PRO D 112 -17.51 22.16 -7.10
CA PRO D 112 -17.62 22.28 -8.56
C PRO D 112 -17.44 23.70 -9.07
N LYS D 113 -18.06 24.67 -8.39
CA LYS D 113 -17.99 26.07 -8.83
C LYS D 113 -16.93 26.87 -8.07
N ASN D 114 -16.33 26.28 -7.05
CA ASN D 114 -15.29 26.93 -6.26
C ASN D 114 -15.78 28.27 -5.72
N THR D 115 -16.82 28.19 -4.88
CA THR D 115 -17.40 29.37 -4.27
C THR D 115 -17.89 29.03 -2.87
N LEU D 116 -17.75 29.99 -1.96
CA LEU D 116 -18.14 29.85 -0.57
C LEU D 116 -19.26 30.83 -0.25
N PHE D 117 -20.24 30.39 0.55
CA PHE D 117 -21.44 31.16 0.83
C PHE D 117 -21.63 31.35 2.33
N LEU D 118 -22.23 32.48 2.69
CA LEU D 118 -22.72 32.72 4.04
C LEU D 118 -24.09 33.38 3.95
N GLN D 119 -25.08 32.77 4.60
CA GLN D 119 -26.44 33.27 4.61
C GLN D 119 -26.77 33.81 5.98
N MET D 120 -27.25 35.04 6.03
CA MET D 120 -27.56 35.72 7.28
C MET D 120 -29.06 35.94 7.39
N THR D 121 -29.63 35.61 8.54
CA THR D 121 -31.05 35.74 8.79
C THR D 121 -31.26 36.50 10.11
N SER D 122 -32.25 37.39 10.10
CA SER D 122 -32.62 38.18 11.27
C SER D 122 -31.42 39.01 11.76
N LEU D 123 -30.97 39.91 10.90
CA LEU D 123 -29.83 40.74 11.22
C LEU D 123 -30.19 41.76 12.29
N ARG D 124 -29.24 42.02 13.18
CA ARG D 124 -29.38 43.02 14.24
C ARG D 124 -28.32 44.11 14.05
N SER D 125 -28.27 45.03 15.01
CA SER D 125 -27.30 46.11 14.94
C SER D 125 -25.89 45.66 15.30
N GLU D 126 -25.75 44.53 15.98
CA GLU D 126 -24.42 44.07 16.38
C GLU D 126 -23.66 43.49 15.19
N ASP D 127 -24.36 42.99 14.18
CA ASP D 127 -23.73 42.33 13.05
C ASP D 127 -23.27 43.29 11.96
N THR D 128 -23.11 44.58 12.28
CA THR D 128 -22.69 45.58 11.30
C THR D 128 -21.17 45.71 11.33
N ALA D 129 -20.51 45.18 10.31
CA ALA D 129 -19.05 45.20 10.21
C ALA D 129 -18.65 44.72 8.81
N MET D 130 -17.35 44.58 8.60
CA MET D 130 -16.79 44.02 7.38
C MET D 130 -16.35 42.58 7.62
N TYR D 131 -16.51 41.74 6.59
CA TYR D 131 -16.32 40.31 6.71
C TYR D 131 -15.18 39.84 5.82
N TYR D 132 -14.36 38.94 6.35
CA TYR D 132 -13.20 38.39 5.65
C TYR D 132 -13.31 36.88 5.61
N CYS D 133 -13.08 36.29 4.44
CA CYS D 133 -13.02 34.84 4.29
C CYS D 133 -11.56 34.42 4.31
N VAL D 134 -11.19 33.59 5.29
CA VAL D 134 -9.80 33.23 5.52
C VAL D 134 -9.65 31.74 5.24
N ARG D 135 -8.76 31.41 4.31
CA ARG D 135 -8.46 30.01 4.03
C ARG D 135 -7.40 29.50 5.00
N SER D 136 -7.44 28.20 5.24
CA SER D 136 -6.46 27.58 6.13
C SER D 136 -6.47 26.08 5.90
N ILE D 137 -5.28 25.48 5.91
CA ILE D 137 -5.12 24.05 5.68
C ILE D 137 -4.38 23.47 6.88
N TYR D 138 -4.82 22.30 7.33
CA TYR D 138 -4.32 21.71 8.57
C TYR D 138 -3.65 20.38 8.29
N TYR D 139 -2.33 20.37 8.35
CA TYR D 139 -1.55 19.14 8.37
C TYR D 139 -0.20 19.46 9.00
N TYR D 140 0.56 18.42 9.30
CA TYR D 140 1.83 18.60 9.99
C TYR D 140 2.73 19.58 9.25
N GLY D 141 3.02 20.72 9.89
CA GLY D 141 3.84 21.74 9.29
C GLY D 141 3.11 22.81 8.51
N SER D 142 1.79 22.72 8.42
CA SER D 142 1.05 23.70 7.63
C SER D 142 1.01 25.05 8.34
N SER D 143 0.55 26.07 7.61
CA SER D 143 0.48 27.45 8.11
C SER D 143 -0.94 27.95 7.92
N PRO D 144 -1.82 27.70 8.88
CA PRO D 144 -3.20 28.14 8.75
C PRO D 144 -3.34 29.66 8.79
N PHE D 145 -4.49 30.13 8.30
CA PHE D 145 -4.83 31.55 8.30
C PHE D 145 -3.82 32.38 7.51
N ASP D 146 -3.27 31.83 6.43
CA ASP D 146 -2.19 32.52 5.73
C ASP D 146 -2.71 33.56 4.75
N PHE D 147 -3.73 33.23 3.96
CA PHE D 147 -4.25 34.14 2.97
C PHE D 147 -5.65 34.60 3.34
N TRP D 148 -5.89 35.91 3.24
CA TRP D 148 -7.13 36.51 3.73
C TRP D 148 -7.98 37.09 2.62
N GLY D 149 -7.48 38.02 1.84
CA GLY D 149 -8.31 38.66 0.83
C GLY D 149 -9.13 39.79 1.42
N GLN D 150 -9.07 40.96 0.79
CA GLN D 150 -9.72 42.14 1.33
C GLN D 150 -11.19 42.21 0.94
N GLY D 151 -12.01 42.70 1.86
CA GLY D 151 -13.42 42.89 1.56
C GLY D 151 -13.62 44.03 0.58
N THR D 152 -14.40 43.77 -0.47
CA THR D 152 -14.68 44.75 -1.51
C THR D 152 -16.12 45.25 -1.35
N THR D 153 -16.26 46.49 -0.91
CA THR D 153 -17.58 47.11 -0.67
C THR D 153 -18.44 46.25 0.24
N LEU D 154 -17.82 45.68 1.29
CA LEU D 154 -18.50 44.80 2.21
C LEU D 154 -19.06 45.52 3.43
N THR D 155 -19.36 46.82 3.30
CA THR D 155 -20.03 47.52 4.37
C THR D 155 -21.48 47.08 4.45
N VAL D 156 -21.96 46.83 5.67
CA VAL D 156 -23.33 46.42 5.91
C VAL D 156 -23.97 47.43 6.87
N SER D 157 -25.29 47.35 6.98
CA SER D 157 -26.06 48.26 7.80
C SER D 157 -26.58 47.54 9.04
N ALA D 158 -27.40 48.23 9.83
CA ALA D 158 -27.94 47.69 11.06
C ALA D 158 -28.89 46.53 10.77
N SER D 173 -18.77 33.15 29.56
CA SER D 173 -18.70 31.72 29.34
C SER D 173 -17.27 31.21 29.55
N ALA D 174 -17.07 29.91 29.38
CA ALA D 174 -15.77 29.28 29.58
C ALA D 174 -14.93 29.37 28.30
N ASP D 175 -14.61 30.60 27.93
CA ASP D 175 -13.79 30.90 26.77
C ASP D 175 -12.43 31.42 27.22
N ILE D 176 -11.62 31.82 26.24
CA ILE D 176 -10.29 32.38 26.49
C ILE D 176 -10.28 33.82 25.99
N VAL D 177 -9.73 34.72 26.79
CA VAL D 177 -9.75 36.15 26.51
C VAL D 177 -8.32 36.60 26.22
N MET D 178 -8.17 37.46 25.22
CA MET D 178 -6.87 37.91 24.72
C MET D 178 -6.80 39.44 24.68
N THR D 179 -7.23 40.09 25.75
CA THR D 179 -7.22 41.56 25.79
C THR D 179 -5.78 42.04 25.93
N GLN D 180 -5.21 42.52 24.82
CA GLN D 180 -3.83 43.01 24.83
C GLN D 180 -3.70 44.20 25.77
N ALA D 181 -2.49 44.35 26.34
CA ALA D 181 -2.28 45.33 27.40
C ALA D 181 -2.50 46.75 26.89
N THR D 182 -1.96 47.09 25.73
CA THR D 182 -1.99 48.45 25.21
C THR D 182 -2.83 48.52 23.95
N SER D 183 -2.99 49.76 23.46
CA SER D 183 -3.68 50.00 22.20
C SER D 183 -2.92 50.94 21.28
N SER D 184 -1.83 51.57 21.74
CA SER D 184 -1.06 52.49 20.93
C SER D 184 0.29 52.70 21.58
N VAL D 185 1.36 52.55 20.80
CA VAL D 185 2.71 52.76 21.30
C VAL D 185 3.48 53.61 20.30
N PRO D 186 4.18 54.66 20.74
CA PRO D 186 4.95 55.48 19.81
C PRO D 186 6.10 54.69 19.20
N VAL D 187 6.33 54.89 17.91
CA VAL D 187 7.32 54.12 17.16
C VAL D 187 8.11 55.07 16.26
N THR D 188 9.42 54.86 16.19
CA THR D 188 10.30 55.53 15.26
C THR D 188 11.20 54.50 14.60
N PRO D 189 11.59 54.72 13.34
CA PRO D 189 12.40 53.72 12.64
C PRO D 189 13.75 53.52 13.31
N GLY D 190 14.02 52.28 13.71
CA GLY D 190 15.28 51.95 14.31
C GLY D 190 15.16 51.18 15.62
N GLU D 191 14.08 51.40 16.35
CA GLU D 191 13.88 50.80 17.66
C GLU D 191 12.79 49.74 17.59
N SER D 192 13.02 48.61 18.27
CA SER D 192 12.04 47.55 18.31
C SER D 192 10.88 47.89 19.22
N VAL D 193 9.72 47.31 18.92
CA VAL D 193 8.52 47.49 19.73
C VAL D 193 7.90 46.12 19.95
N SER D 194 7.43 45.87 21.17
CA SER D 194 6.89 44.56 21.51
C SER D 194 6.02 44.66 22.75
N ILE D 195 4.94 43.89 22.77
CA ILE D 195 4.09 43.76 23.95
C ILE D 195 3.22 42.52 23.85
N CYS D 197 0.59 38.98 25.35
CA CYS D 197 0.76 38.11 26.51
C CYS D 197 -0.58 37.83 27.18
N ARG D 198 -1.64 38.37 26.60
CA ARG D 198 -2.97 38.25 27.19
C ARG D 198 -3.55 36.86 26.99
N SER D 199 -3.28 35.95 27.92
CA SER D 199 -3.82 34.60 27.86
C SER D 199 -4.45 34.26 29.21
N SER D 200 -5.72 33.86 29.18
CA SER D 200 -6.40 33.40 30.37
C SER D 200 -6.23 31.90 30.58
N LYS D 201 -5.51 31.22 29.70
CA LYS D 201 -5.28 29.79 29.81
C LYS D 201 -3.93 29.47 29.20
N SER D 202 -3.37 28.33 29.60
CA SER D 202 -2.07 27.89 29.11
C SER D 202 -2.22 27.44 27.67
N LEU D 203 -1.75 28.26 26.72
CA LEU D 203 -1.78 27.92 25.30
C LEU D 203 -0.59 27.02 24.98
N LEU D 204 -0.62 25.81 25.53
CA LEU D 204 0.45 24.84 25.31
C LEU D 204 -0.17 23.45 25.43
N HIS D 205 -0.48 22.84 24.30
CA HIS D 205 -1.08 21.52 24.32
C HIS D 205 -0.03 20.47 24.72
N SER D 206 -0.50 19.25 24.94
CA SER D 206 0.38 18.18 25.37
C SER D 206 1.33 17.76 24.25
N ASN D 207 0.95 17.97 22.99
CA ASN D 207 1.82 17.59 21.89
C ASN D 207 3.11 18.40 21.90
N GLY D 208 3.02 19.70 22.13
CA GLY D 208 4.19 20.54 22.21
C GLY D 208 4.04 21.89 21.53
N ASN D 209 2.91 22.10 20.86
CA ASN D 209 2.71 23.33 20.11
C ASN D 209 2.29 24.45 21.05
N THR D 210 1.98 25.62 20.49
CA THR D 210 1.54 26.76 21.28
C THR D 210 0.22 27.37 20.80
N TYR D 211 -0.06 27.39 19.50
CA TYR D 211 -1.33 27.85 18.97
C TYR D 211 -1.58 29.32 19.28
N LEU D 212 -0.60 30.16 18.95
CA LEU D 212 -0.76 31.60 18.94
C LEU D 212 -0.34 32.12 17.57
N TYR D 213 -1.23 32.85 16.92
CA TYR D 213 -0.98 33.39 15.59
C TYR D 213 -0.90 34.90 15.67
N TRP D 214 0.16 35.47 15.11
CA TRP D 214 0.39 36.91 15.12
C TRP D 214 0.03 37.47 13.76
N PHE D 215 -0.95 38.37 13.71
CA PHE D 215 -1.36 39.01 12.48
C PHE D 215 -1.00 40.49 12.52
N LEU D 216 -0.88 41.09 11.34
CA LEU D 216 -0.63 42.51 11.20
C LEU D 216 -1.67 43.09 10.24
N GLN D 217 -2.17 44.27 10.57
CA GLN D 217 -3.20 44.94 9.80
C GLN D 217 -2.61 46.21 9.20
N ARG D 218 -2.18 46.13 7.94
CA ARG D 218 -1.82 47.33 7.20
C ARG D 218 -3.01 48.29 7.15
N PRO D 219 -2.80 49.58 7.28
CA PRO D 219 -3.93 50.52 7.30
C PRO D 219 -4.59 50.67 5.94
N GLY D 220 -5.79 50.14 5.78
CA GLY D 220 -6.58 50.33 4.59
C GLY D 220 -6.87 49.09 3.76
N GLN D 221 -6.45 47.92 4.20
CA GLN D 221 -6.71 46.69 3.44
C GLN D 221 -6.60 45.48 4.37
N SER D 222 -6.60 44.29 3.77
CA SER D 222 -6.74 43.04 4.49
C SER D 222 -5.56 42.78 5.42
N PRO D 223 -5.79 42.03 6.50
CA PRO D 223 -4.67 41.62 7.37
C PRO D 223 -3.77 40.59 6.70
N GLN D 224 -2.68 40.24 7.37
CA GLN D 224 -1.73 39.24 6.89
C GLN D 224 -1.25 38.41 8.07
N LEU D 225 -0.71 37.24 7.76
CA LEU D 225 -0.11 36.39 8.78
C LEU D 225 1.37 36.71 8.90
N LEU D 226 1.84 36.78 10.14
CA LEU D 226 3.26 37.01 10.40
C LEU D 226 3.92 35.80 11.06
N ILE D 227 3.42 35.38 12.22
CA ILE D 227 4.01 34.26 12.97
C ILE D 227 2.88 33.33 13.39
N TYR D 228 3.06 32.04 13.14
CA TYR D 228 2.09 31.04 13.56
C TYR D 228 2.76 30.07 14.54
N ARG D 229 2.01 29.71 15.59
CA ARG D 229 2.51 28.87 16.69
C ARG D 229 3.64 29.56 17.46
N MET D 230 3.65 30.88 17.46
CA MET D 230 4.61 31.65 18.26
C MET D 230 6.11 31.46 17.99
N SER D 231 6.49 30.66 17.00
CA SER D 231 7.91 30.40 16.78
C SER D 231 8.17 30.18 15.30
N ASN D 232 7.13 30.20 14.48
CA ASN D 232 7.29 29.93 13.06
C ASN D 232 7.00 31.18 12.23
N LEU D 233 7.99 31.63 11.47
CA LEU D 233 7.79 32.84 10.68
C LEU D 233 7.11 32.49 9.38
N ALA D 234 6.04 33.21 9.06
CA ALA D 234 5.28 32.95 7.85
C ALA D 234 6.12 33.27 6.61
N SER D 235 5.81 32.57 5.52
CA SER D 235 6.54 32.79 4.27
C SER D 235 6.13 34.11 3.63
N GLY D 236 7.09 34.73 2.94
CA GLY D 236 6.81 35.94 2.21
C GLY D 236 6.90 37.22 2.99
N VAL D 237 7.41 37.18 4.23
CA VAL D 237 7.58 38.40 5.01
C VAL D 237 8.99 38.40 5.61
N PRO D 238 9.62 39.56 5.75
CA PRO D 238 11.02 39.59 6.22
C PRO D 238 11.18 39.20 7.68
N ASP D 239 12.39 39.27 8.19
CA ASP D 239 12.66 38.91 9.58
C ASP D 239 11.97 39.90 10.51
N ARG D 240 10.92 39.44 11.18
CA ARG D 240 10.13 40.28 12.08
C ARG D 240 9.95 39.69 13.47
N PHE D 241 10.57 38.56 13.78
CA PHE D 241 10.35 37.91 15.07
C PHE D 241 11.32 36.75 15.21
N SER D 242 11.67 36.42 16.45
CA SER D 242 12.74 35.48 16.76
C SER D 242 12.26 34.16 17.34
N GLY D 243 11.21 34.19 18.17
CA GLY D 243 10.76 32.99 18.87
C GLY D 243 10.91 33.11 20.38
N SER D 244 9.81 33.40 21.06
CA SER D 244 9.85 33.61 22.50
C SER D 244 8.43 33.47 23.07
N GLY D 245 8.32 32.73 24.16
CA GLY D 245 7.03 32.54 24.81
C GLY D 245 7.20 31.65 26.02
N SER D 246 6.25 31.79 26.94
CA SER D 246 6.32 31.09 28.22
C SER D 246 4.96 30.51 28.59
N GLY D 247 4.30 29.88 27.62
CA GLY D 247 3.04 29.22 27.89
C GLY D 247 1.86 30.15 28.06
N THR D 248 2.01 31.18 28.89
CA THR D 248 0.95 32.15 29.11
C THR D 248 1.34 33.59 28.81
N ALA D 249 2.63 33.91 28.77
CA ALA D 249 3.10 35.26 28.46
C ALA D 249 3.80 35.24 27.11
N PHE D 250 3.47 36.21 26.27
CA PHE D 250 3.99 36.25 24.91
C PHE D 250 4.34 37.67 24.51
N THR D 251 5.27 37.78 23.56
CA THR D 251 5.70 39.07 23.05
C THR D 251 6.12 38.90 21.61
N LEU D 252 6.16 40.01 20.86
CA LEU D 252 6.52 40.01 19.44
C LEU D 252 7.56 41.09 19.21
N THR D 253 8.84 40.72 19.34
CA THR D 253 9.92 41.67 19.11
C THR D 253 10.20 41.81 17.62
N ILE D 254 10.55 43.03 17.22
CA ILE D 254 10.83 43.33 15.83
C ILE D 254 12.34 43.42 15.60
N ARG D 256 14.56 46.04 14.11
CA ARG D 256 14.58 47.32 13.41
C ARG D 256 13.25 47.60 12.73
N LEU D 257 12.66 48.75 13.03
CA LEU D 257 11.38 49.12 12.45
C LEU D 257 11.57 49.85 11.13
N GLU D 258 10.85 49.40 10.11
CA GLU D 258 10.83 50.05 8.81
C GLU D 258 9.63 50.99 8.74
N ALA D 259 9.38 51.53 7.55
CA ALA D 259 8.34 52.54 7.36
C ALA D 259 6.98 51.96 7.02
N GLU D 260 6.88 50.65 6.86
CA GLU D 260 5.61 50.03 6.50
C GLU D 260 4.97 49.30 7.67
N ASP D 261 5.68 49.19 8.79
CA ASP D 261 5.16 48.44 9.93
C ASP D 261 3.98 49.14 10.60
N VAL D 262 3.66 50.36 10.21
CA VAL D 262 2.56 51.09 10.83
C VAL D 262 1.25 50.37 10.56
N GLY D 263 0.42 50.25 11.60
CA GLY D 263 -0.84 49.54 11.50
C GLY D 263 -1.11 48.70 12.72
N VAL D 264 -2.30 48.14 12.81
CA VAL D 264 -2.69 47.35 13.98
C VAL D 264 -1.95 46.02 13.98
N TYR D 265 -1.71 45.49 15.17
CA TYR D 265 -0.83 44.35 15.38
C TYR D 265 -1.42 43.54 16.54
N TYR D 266 -2.24 42.54 16.21
CA TYR D 266 -2.92 41.76 17.23
C TYR D 266 -2.73 40.28 17.00
N CYS D 267 -3.13 39.49 17.98
CA CYS D 267 -2.84 38.06 18.08
C CYS D 267 -4.13 37.26 18.04
N MET D 268 -3.99 35.94 18.19
CA MET D 268 -5.12 35.04 18.13
C MET D 268 -4.81 33.78 18.92
N GLN D 269 -5.86 33.05 19.26
CA GLN D 269 -5.75 31.76 19.92
C GLN D 269 -6.40 30.69 19.05
N HIS D 270 -5.85 29.49 19.10
CA HIS D 270 -6.40 28.39 18.31
C HIS D 270 -6.45 27.08 19.08
N LEU D 271 -6.30 27.11 20.41
CA LEU D 271 -6.27 25.87 21.18
C LEU D 271 -7.66 25.24 21.25
N GLU D 272 -8.68 26.04 21.54
CA GLU D 272 -10.03 25.54 21.72
C GLU D 272 -10.90 25.96 20.54
N TYR D 273 -12.08 25.35 20.48
CA TYR D 273 -12.98 25.56 19.33
C TYR D 273 -13.31 27.02 19.10
N PRO D 274 -13.61 27.85 20.10
CA PRO D 274 -13.76 29.29 19.83
C PRO D 274 -12.40 29.93 19.53
N LEU D 275 -12.40 30.78 18.50
CA LEU D 275 -11.21 31.50 18.06
C LEU D 275 -11.35 32.95 18.50
N THR D 276 -10.69 33.31 19.59
CA THR D 276 -10.80 34.64 20.18
C THR D 276 -9.58 35.47 19.83
N PHE D 277 -9.83 36.65 19.28
CA PHE D 277 -8.76 37.53 18.84
C PHE D 277 -8.36 38.50 19.95
N GLY D 278 -7.27 39.21 19.71
CA GLY D 278 -6.82 40.21 20.65
C GLY D 278 -7.58 41.51 20.53
N ALA D 279 -7.30 42.40 21.48
CA ALA D 279 -7.94 43.72 21.45
C ALA D 279 -7.39 44.58 20.32
N GLY D 280 -6.08 44.56 20.13
CA GLY D 280 -5.48 45.35 19.04
C GLY D 280 -4.44 46.32 19.54
N THR D 281 -3.24 46.22 18.97
CA THR D 281 -2.13 47.11 19.27
C THR D 281 -1.73 47.85 18.01
N LYS D 282 -1.56 49.16 18.13
CA LYS D 282 -1.23 50.01 16.99
C LYS D 282 0.15 50.63 17.16
N LEU D 283 0.84 50.83 16.04
CA LEU D 283 2.13 51.50 16.01
C LEU D 283 2.03 52.70 15.07
N GLU D 284 2.49 53.86 15.54
CA GLU D 284 2.38 55.10 14.78
C GLU D 284 3.75 55.73 14.65
N LEU D 285 3.93 56.50 13.58
CA LEU D 285 5.17 57.24 13.36
C LEU D 285 4.98 58.71 13.71
N SER E 4 38.34 -0.58 -30.50
CA SER E 4 38.85 -1.34 -29.37
C SER E 4 40.35 -1.13 -29.22
N ILE E 5 40.95 -0.40 -30.17
CA ILE E 5 42.38 -0.11 -30.10
C ILE E 5 42.70 0.90 -29.01
N ALA E 6 41.72 1.70 -28.59
CA ALA E 6 41.92 2.67 -27.51
C ALA E 6 40.95 2.52 -26.35
N GLN E 7 39.82 1.82 -26.54
CA GLN E 7 38.92 1.55 -25.42
C GLN E 7 39.59 0.67 -24.38
N ALA E 8 40.45 -0.25 -24.81
CA ALA E 8 41.22 -1.05 -23.87
C ALA E 8 42.34 -0.24 -23.24
N ARG E 9 42.90 0.73 -23.97
CA ARG E 9 43.92 1.60 -23.39
C ARG E 9 43.34 2.50 -22.32
N LYS E 10 42.09 2.94 -22.49
CA LYS E 10 41.44 3.76 -21.48
C LYS E 10 41.28 2.99 -20.17
N LEU E 11 40.99 1.69 -20.27
CA LEU E 11 40.87 0.88 -19.07
C LEU E 11 42.18 0.86 -18.30
N VAL E 12 43.30 0.68 -19.00
CA VAL E 12 44.59 0.67 -18.33
C VAL E 12 44.93 2.05 -17.78
N GLU E 13 44.58 3.10 -18.51
CA GLU E 13 44.85 4.45 -18.04
C GLU E 13 44.10 4.74 -16.74
N GLN E 14 42.84 4.30 -16.65
CA GLN E 14 42.07 4.50 -15.42
C GLN E 14 42.58 3.61 -14.29
N LEU E 15 42.80 2.34 -14.58
CA LEU E 15 43.25 1.41 -13.55
C LEU E 15 44.56 1.87 -12.95
N LYS E 16 45.47 2.32 -13.80
CA LYS E 16 46.78 2.76 -13.33
C LYS E 16 46.67 3.96 -12.40
N MET E 17 45.87 4.97 -12.77
CA MET E 17 45.69 6.13 -11.90
C MET E 17 44.99 5.72 -10.61
N GLU E 18 44.18 4.68 -10.66
CA GLU E 18 43.62 4.12 -9.43
C GLU E 18 44.69 3.38 -8.62
N ALA E 19 45.67 2.77 -9.29
CA ALA E 19 46.71 2.02 -8.59
C ALA E 19 47.58 2.90 -7.70
N ASN E 20 47.68 4.19 -7.99
CA ASN E 20 48.58 5.09 -7.26
C ASN E 20 47.80 5.83 -6.18
N ILE E 21 47.49 5.12 -5.10
CA ILE E 21 46.85 5.69 -3.92
C ILE E 21 47.54 5.14 -2.68
N ASP E 22 47.30 5.80 -1.55
CA ASP E 22 47.93 5.44 -0.29
C ASP E 22 47.01 4.54 0.52
N ARG E 23 47.56 3.43 1.00
CA ARG E 23 46.81 2.46 1.80
C ARG E 23 47.40 2.44 3.21
N ILE E 24 46.54 2.64 4.20
CA ILE E 24 46.95 2.61 5.60
C ILE E 24 46.64 1.24 6.19
N LYS E 25 47.26 0.94 7.33
CA LYS E 25 47.09 -0.37 7.95
C LYS E 25 45.64 -0.63 8.31
N VAL E 26 45.21 -1.87 8.15
CA VAL E 26 43.82 -2.23 8.44
C VAL E 26 43.54 -2.14 9.93
N SER E 27 44.55 -2.36 10.78
CA SER E 27 44.36 -2.23 12.22
C SER E 27 44.00 -0.79 12.59
N LYS E 28 44.57 0.20 11.89
CA LYS E 28 44.22 1.59 12.14
C LYS E 28 42.75 1.85 11.82
N ALA E 29 42.27 1.30 10.70
CA ALA E 29 40.85 1.45 10.37
C ALA E 29 39.97 0.75 11.41
N ALA E 30 40.37 -0.44 11.84
CA ALA E 30 39.61 -1.14 12.88
C ALA E 30 39.51 -0.28 14.13
N ALA E 31 40.63 0.30 14.55
CA ALA E 31 40.61 1.20 15.71
C ALA E 31 39.72 2.41 15.46
N ASP E 32 39.69 2.92 14.22
CA ASP E 32 38.88 4.09 13.93
C ASP E 32 37.39 3.79 14.09
N LEU E 33 36.92 2.70 13.48
CA LEU E 33 35.51 2.34 13.66
C LEU E 33 35.19 2.01 15.11
N MET E 34 36.07 1.29 15.81
CA MET E 34 35.82 0.99 17.21
C MET E 34 35.71 2.27 18.04
N ALA E 35 36.59 3.23 17.78
CA ALA E 35 36.58 4.49 18.52
C ALA E 35 35.30 5.28 18.23
N TYR E 36 34.86 5.33 16.97
CA TYR E 36 33.62 6.03 16.66
C TYR E 36 32.44 5.37 17.37
N CYS E 37 32.40 4.03 17.36
CA CYS E 37 31.30 3.33 18.02
C CYS E 37 31.31 3.61 19.52
N GLU E 38 32.48 3.61 20.14
CA GLU E 38 32.55 3.91 21.57
C GLU E 38 32.16 5.36 21.86
N ALA E 39 32.57 6.29 21.00
CA ALA E 39 32.28 7.69 21.24
C ALA E 39 30.79 7.98 21.13
N HIS E 40 30.10 7.35 20.18
CA HIS E 40 28.67 7.58 20.03
C HIS E 40 27.83 6.46 20.64
N ALA E 41 28.39 5.69 21.56
CA ALA E 41 27.67 4.54 22.10
C ALA E 41 26.48 4.97 22.95
N LYS E 42 26.68 5.93 23.84
CA LYS E 42 25.67 6.29 24.83
C LYS E 42 24.60 7.22 24.27
N GLU E 43 24.49 7.36 22.96
CA GLU E 43 23.51 8.25 22.37
C GLU E 43 22.47 7.56 21.50
N ASP E 44 22.83 6.45 20.85
CA ASP E 44 21.92 5.82 19.91
C ASP E 44 20.78 5.12 20.64
N PRO E 45 19.53 5.48 20.40
CA PRO E 45 18.38 4.83 21.07
C PRO E 45 17.90 3.58 20.34
N LEU E 46 18.82 2.70 20.01
CA LEU E 46 18.44 1.45 19.34
C LEU E 46 18.95 0.29 20.16
N LEU E 47 20.09 0.47 20.81
CA LEU E 47 20.64 -0.58 21.66
C LEU E 47 20.27 -0.30 23.10
N THR E 48 20.24 0.97 23.48
CA THR E 48 19.84 1.36 24.82
C THR E 48 18.35 1.64 24.80
N PRO E 49 17.51 0.76 25.34
CA PRO E 49 16.05 0.97 25.27
C PRO E 49 15.64 2.26 25.96
N VAL E 50 15.12 3.19 25.17
CA VAL E 50 14.68 4.48 25.73
C VAL E 50 13.38 4.29 26.51
N PRO E 51 13.25 4.87 27.69
CA PRO E 51 11.98 4.77 28.42
C PRO E 51 10.86 5.51 27.71
N ALA E 52 9.63 5.09 27.98
CA ALA E 52 8.47 5.58 27.28
C ALA E 52 8.14 7.04 27.58
N SER E 53 8.79 7.64 28.59
CA SER E 53 8.47 9.02 28.95
C SER E 53 8.77 9.99 27.81
N GLU E 54 9.95 9.85 27.20
CA GLU E 54 10.32 10.69 26.06
C GLU E 54 10.40 9.92 24.75
N ASN E 55 9.94 8.67 24.72
CA ASN E 55 9.84 7.94 23.46
C ASN E 55 8.56 8.35 22.75
N PRO E 56 8.63 8.96 21.57
CA PRO E 56 7.41 9.39 20.88
C PRO E 56 6.65 8.27 20.22
N PHE E 57 7.15 7.05 20.24
CA PHE E 57 6.50 5.90 19.63
C PHE E 57 6.01 4.98 20.75
N ARG E 58 4.78 5.23 21.22
CA ARG E 58 4.19 4.43 22.27
C ARG E 58 2.68 4.63 22.22
N GLU E 59 1.94 3.61 22.67
CA GLU E 59 0.49 3.63 22.71
C GLU E 59 -0.12 3.99 21.36
C1' PEA F . -34.79 -24.07 14.33
C6' PEA F . -34.74 -23.27 13.20
C5' PEA F . -35.87 -23.11 12.42
C4' PEA F . -37.05 -23.74 12.79
C3' PEA F . -37.09 -24.53 13.92
C2' PEA F . -35.97 -24.69 14.69
C2 PEA F . -33.53 -24.26 15.18
C1 PEA F . -33.65 -25.53 16.01
N PEA F . -32.32 -25.97 16.39
#